data_6VK7
#
_entry.id   6VK7
#
_cell.length_a   62.458
_cell.length_b   290.452
_cell.length_c   139.220
_cell.angle_alpha   90.000
_cell.angle_beta   90.000
_cell.angle_gamma   90.000
#
_symmetry.space_group_name_H-M   'C 2 2 21'
#
loop_
_entity.id
_entity.type
_entity.pdbx_description
1 polymer 'Methane monooxygenase component A alpha chain'
2 polymer 'Methane monooxygenase'
3 polymer 'Methane monooxygenase'
4 non-polymer 'FE (III) ION'
5 water water
#
loop_
_entity_poly.entity_id
_entity_poly.type
_entity_poly.pdbx_seq_one_letter_code
_entity_poly.pdbx_strand_id
1 'polypeptide(L)'
;MAISLATKAATDALKVNRAPVGVEPQEVHKWLQSFNWDFKENRTKYPTKYHMANETKEQFKVIAKEYARMEAAKDERQFG
TLLDGLTRLGAGNKVHPRWGETMKVISNFLEVGEYNAIAASAMLWDSATAAEQKNGYLAQVLDEIRHTHQCAFINHYYSK
HYHDPAGHNDARRTRAIGPLWKGMKRVFADGFISGDAVECSVNLQLVGEACFTNPLIVAVTEWASANGDEITPTVFLSVE
TDELRHMANGYQTVVSIANDPASAKFLNTDLNNAFWTQQKYFTPVLGYLFEYGSKFKVEPWVKTWNRWVYEDWGGIWIGR
LGKYGVESPASLRDAKRDAYWAHHDLALAAYAMWPLGFARLALPDEEDQAWFEANYPGWADHYGKIFNEWKKLGYEDPKS
GFIPYQWLLANGHDVYIDRVSQVPFIPSLAKGTGSLRVHEFNGKKHSLTDDWGERQWLIEPERYECHNVFEQYEGRELSE
VIAEGHGVRSDGKTLIAQPHTRGDNLWTLEDIKRAGCVFPDPLAKF
;
A
2 'polypeptide(L)'
;MSQPQSSQVTKRGLTDPERAAIIAAAVPDHALDTQRKYHYFIQPRWKRLSEYEQLSCYAQPNPDWIAGGLDWGDWTQKFH
GGRPSWGNESTELRTTDWYRHRDPARRWHHPYVKDKSEEARYTQRFLAAYSSEGSIRTIDPYWRDEILNKYFGALLYSEY
GLFNAHSSVGRDCLSDTIRQTAVFAALDKVDNAQMIQMERLFIAKLVPGFDASTDVPKKIWTTDPIYSGARATVQEIWQG
VQDWNEILWAGHAVYDATFGQFARREFFQRLATVYGDTLTPFFTAQSQTYFQTTRGAIDDLFVYCLANDSEFGAHNRTFL
NAWTEHYLASSVAALKDFVGLYAKVEKVAGATDRAGVSEALQRVFGDWKIDYADKIGFRVDVDQKVDAVLAGYKN
;
B
3 'polypeptide(L)'
;MAKREPIHDNSIRTEWEAKIAKLTSVDQATKFIQDFRLAYTSPFRKSYDIDVDYQYIERKIEEKLSVLKTEKLPVADLIT
KATTGEDAAAVEATWIAKIKAAKSKYEAERIHIEFRQLYKPPVLPVNVFLRTDAALGTVLMEIRNTDYYGTPLEGLRKER
GVKVLHLQA
;
C
#
# COMPACT_ATOMS: atom_id res chain seq x y z
N ASP A 12 -18.25 2.81 -49.63
CA ASP A 12 -17.29 3.70 -50.27
C ASP A 12 -17.35 5.13 -49.68
N ALA A 13 -17.02 6.12 -50.52
CA ALA A 13 -16.94 7.51 -50.10
C ALA A 13 -18.30 8.20 -50.02
N LEU A 14 -19.37 7.55 -50.48
CA LEU A 14 -20.69 8.15 -50.51
C LEU A 14 -21.70 7.48 -49.59
N LYS A 15 -21.62 6.16 -49.41
CA LYS A 15 -22.61 5.42 -48.64
C LYS A 15 -21.96 4.74 -47.44
N VAL A 16 -22.52 4.98 -46.27
CA VAL A 16 -22.06 4.39 -45.02
C VAL A 16 -23.25 4.30 -44.09
N ASN A 17 -23.25 3.30 -43.22
CA ASN A 17 -24.26 3.19 -42.17
C ASN A 17 -24.09 4.34 -41.18
N ARG A 18 -25.12 5.20 -41.07
CA ARG A 18 -25.04 6.40 -40.24
C ARG A 18 -25.91 6.31 -38.98
N ALA A 19 -26.30 5.12 -38.57
CA ALA A 19 -26.93 4.95 -37.27
C ALA A 19 -25.98 5.43 -36.17
N PRO A 20 -26.49 6.05 -35.10
CA PRO A 20 -25.61 6.48 -34.01
C PRO A 20 -25.21 5.29 -33.15
N VAL A 21 -23.92 5.05 -33.03
CA VAL A 21 -23.41 3.95 -32.24
C VAL A 21 -22.21 4.42 -31.43
N GLY A 22 -22.03 3.82 -30.26
CA GLY A 22 -20.82 3.97 -29.48
C GLY A 22 -20.14 2.62 -29.31
N VAL A 23 -19.30 2.51 -28.28
CA VAL A 23 -18.68 1.26 -27.90
C VAL A 23 -18.81 1.17 -26.39
N GLU A 24 -19.61 0.21 -25.91
CA GLU A 24 -19.84 0.10 -24.48
C GLU A 24 -18.69 -0.64 -23.80
N PRO A 25 -18.51 -0.43 -22.48
CA PRO A 25 -17.36 -1.02 -21.78
C PRO A 25 -17.17 -2.51 -22.03
N GLN A 26 -18.25 -3.29 -21.98
CA GLN A 26 -18.13 -4.73 -22.17
C GLN A 26 -17.74 -5.12 -23.59
N GLU A 27 -17.89 -4.23 -24.57
CA GLU A 27 -17.44 -4.55 -25.92
C GLU A 27 -15.92 -4.52 -25.99
N VAL A 28 -15.30 -3.54 -25.32
CA VAL A 28 -13.85 -3.52 -25.18
C VAL A 28 -13.39 -4.65 -24.28
N HIS A 29 -14.09 -4.86 -23.16
CA HIS A 29 -13.61 -5.78 -22.14
C HIS A 29 -13.49 -7.21 -22.66
N LYS A 30 -14.32 -7.58 -23.63
CA LYS A 30 -14.28 -8.94 -24.16
C LYS A 30 -12.97 -9.24 -24.89
N TRP A 31 -12.17 -8.22 -25.19
CA TRP A 31 -10.86 -8.41 -25.84
C TRP A 31 -9.71 -8.25 -24.86
N LEU A 32 -10.00 -7.93 -23.59
CA LEU A 32 -8.95 -7.66 -22.62
C LEU A 32 -8.05 -8.87 -22.40
N GLN A 33 -8.63 -10.07 -22.28
CA GLN A 33 -7.82 -11.24 -21.99
C GLN A 33 -6.72 -11.43 -23.02
N SER A 34 -6.94 -10.97 -24.25
CA SER A 34 -6.00 -11.15 -25.35
C SER A 34 -4.94 -10.05 -25.39
N PHE A 35 -4.96 -9.08 -24.47
CA PHE A 35 -3.91 -8.06 -24.44
C PHE A 35 -2.59 -8.60 -23.90
N ASN A 36 -2.64 -9.66 -23.10
CA ASN A 36 -1.42 -10.28 -22.58
C ASN A 36 -0.83 -11.19 -23.65
N TRP A 37 0.49 -11.35 -23.63
CA TRP A 37 1.15 -12.21 -24.60
C TRP A 37 2.19 -13.08 -23.90
N ASP A 38 2.67 -14.09 -24.60
N ASP A 38 2.66 -14.09 -24.61
CA ASP A 38 3.54 -15.11 -24.02
CA ASP A 38 3.55 -15.09 -24.04
C ASP A 38 5.01 -14.74 -24.23
C ASP A 38 5.00 -14.68 -24.22
N PHE A 39 5.77 -14.77 -23.13
CA PHE A 39 7.22 -14.73 -23.22
C PHE A 39 7.74 -15.39 -21.95
N LYS A 40 8.97 -15.90 -22.03
CA LYS A 40 9.48 -16.78 -20.98
C LYS A 40 9.50 -16.11 -19.62
N GLU A 41 9.74 -14.80 -19.60
CA GLU A 41 9.89 -14.04 -18.37
C GLU A 41 8.57 -13.48 -17.87
N ASN A 42 7.45 -13.78 -18.53
CA ASN A 42 6.15 -13.25 -18.13
C ASN A 42 5.64 -14.08 -16.95
N ARG A 43 6.07 -13.67 -15.76
CA ARG A 43 5.82 -14.45 -14.56
C ARG A 43 5.98 -13.52 -13.37
N THR A 44 5.24 -13.80 -12.29
CA THR A 44 5.23 -12.91 -11.13
C THR A 44 6.63 -12.77 -10.53
N LYS A 45 6.89 -11.59 -9.98
CA LYS A 45 8.18 -11.35 -9.32
C LYS A 45 8.19 -11.75 -7.84
N TYR A 46 7.00 -11.99 -7.21
CA TYR A 46 6.93 -12.17 -5.77
C TYR A 46 7.00 -13.65 -5.38
N PRO A 47 7.54 -13.94 -4.19
CA PRO A 47 7.62 -15.33 -3.75
C PRO A 47 6.21 -15.86 -3.50
N THR A 48 5.95 -17.09 -3.95
CA THR A 48 4.61 -17.65 -3.77
C THR A 48 4.66 -19.15 -3.98
N LYS A 49 3.81 -19.85 -3.23
CA LYS A 49 3.64 -21.28 -3.37
C LYS A 49 2.63 -21.65 -4.45
N TYR A 50 1.92 -20.67 -5.02
CA TYR A 50 0.76 -20.90 -5.87
C TYR A 50 0.98 -20.33 -7.27
N HIS A 51 0.14 -20.77 -8.20
CA HIS A 51 0.12 -20.24 -9.56
C HIS A 51 -1.33 -19.93 -9.94
N MET A 52 -1.61 -18.66 -10.19
CA MET A 52 -2.92 -18.24 -10.63
C MET A 52 -3.13 -18.58 -12.11
N ALA A 53 -4.26 -19.20 -12.42
CA ALA A 53 -4.46 -19.81 -13.72
C ALA A 53 -4.58 -18.78 -14.85
N ASN A 54 -4.13 -19.18 -16.03
CA ASN A 54 -4.00 -18.29 -17.17
C ASN A 54 -5.34 -17.80 -17.68
N GLU A 55 -6.42 -18.55 -17.46
CA GLU A 55 -7.69 -18.21 -18.07
C GLU A 55 -8.71 -17.66 -17.09
N THR A 56 -8.28 -17.29 -15.87
CA THR A 56 -9.19 -16.75 -14.88
C THR A 56 -9.90 -15.50 -15.39
N LYS A 57 -11.22 -15.48 -15.26
CA LYS A 57 -12.00 -14.32 -15.64
C LYS A 57 -12.23 -13.44 -14.42
N GLU A 58 -12.85 -12.29 -14.64
CA GLU A 58 -13.29 -11.43 -13.55
C GLU A 58 -14.79 -11.19 -13.69
N GLN A 59 -15.40 -10.69 -12.61
CA GLN A 59 -16.86 -10.60 -12.60
C GLN A 59 -17.38 -9.30 -13.18
N PHE A 60 -16.68 -8.19 -13.00
CA PHE A 60 -17.14 -6.89 -13.46
C PHE A 60 -16.35 -6.48 -14.69
N LYS A 61 -17.08 -6.22 -15.79
CA LYS A 61 -16.45 -5.99 -17.09
C LYS A 61 -16.15 -4.50 -17.26
N VAL A 62 -15.19 -4.01 -16.47
CA VAL A 62 -14.91 -2.59 -16.37
C VAL A 62 -13.58 -2.26 -17.05
N ILE A 63 -13.57 -1.17 -17.80
CA ILE A 63 -12.37 -0.62 -18.40
C ILE A 63 -12.05 0.71 -17.70
N ALA A 64 -10.90 1.27 -18.01
CA ALA A 64 -10.43 2.48 -17.33
C ALA A 64 -11.47 3.60 -17.37
N LYS A 65 -12.01 3.89 -18.54
CA LYS A 65 -13.00 4.97 -18.66
C LYS A 65 -14.25 4.68 -17.86
N GLU A 66 -14.70 3.44 -17.84
CA GLU A 66 -15.92 3.14 -17.10
C GLU A 66 -15.68 3.18 -15.60
N TYR A 67 -14.51 2.70 -15.15
CA TYR A 67 -14.14 2.83 -13.74
C TYR A 67 -14.26 4.28 -13.28
N ALA A 68 -13.65 5.21 -14.02
CA ALA A 68 -13.63 6.60 -13.60
C ALA A 68 -15.05 7.17 -13.55
N ARG A 69 -15.84 6.92 -14.60
CA ARG A 69 -17.22 7.41 -14.63
C ARG A 69 -17.99 6.93 -13.41
N MET A 70 -17.94 5.62 -13.16
CA MET A 70 -18.58 5.01 -11.99
C MET A 70 -18.24 5.74 -10.70
N GLU A 71 -16.94 5.91 -10.42
CA GLU A 71 -16.51 6.45 -9.13
C GLU A 71 -16.74 7.95 -9.04
N ALA A 72 -16.47 8.68 -10.12
CA ALA A 72 -16.71 10.13 -10.11
C ALA A 72 -18.16 10.45 -9.72
N ALA A 73 -19.10 9.63 -10.18
CA ALA A 73 -20.50 9.89 -9.87
C ALA A 73 -20.78 9.68 -8.37
N LYS A 74 -20.15 8.66 -7.78
CA LYS A 74 -20.23 8.45 -6.35
C LYS A 74 -19.66 9.66 -5.59
N ASP A 75 -18.47 10.13 -6.00
CA ASP A 75 -17.83 11.27 -5.34
C ASP A 75 -18.74 12.47 -5.28
N GLU A 76 -19.38 12.81 -6.41
CA GLU A 76 -20.16 14.03 -6.50
C GLU A 76 -21.30 14.04 -5.48
N ARG A 77 -21.99 12.90 -5.34
CA ARG A 77 -23.02 12.77 -4.31
C ARG A 77 -22.42 12.96 -2.91
N GLN A 78 -21.35 12.23 -2.62
CA GLN A 78 -20.72 12.26 -1.31
C GLN A 78 -20.27 13.66 -0.94
N PHE A 79 -19.50 14.30 -1.82
CA PHE A 79 -18.96 15.62 -1.51
C PHE A 79 -20.05 16.68 -1.50
N GLY A 80 -21.15 16.47 -2.21
CA GLY A 80 -22.26 17.38 -2.11
C GLY A 80 -22.77 17.38 -0.68
N THR A 81 -23.13 16.19 -0.21
CA THR A 81 -23.63 16.04 1.16
C THR A 81 -22.69 16.68 2.18
N LEU A 82 -21.38 16.43 2.04
CA LEU A 82 -20.46 16.86 3.09
C LEU A 82 -20.23 18.36 3.07
N LEU A 83 -19.88 18.90 1.91
CA LEU A 83 -19.40 20.27 1.81
C LEU A 83 -20.52 21.27 1.64
N ASP A 84 -21.68 20.82 1.17
CA ASP A 84 -22.82 21.71 1.05
C ASP A 84 -23.77 21.51 2.24
N GLY A 85 -24.46 20.37 2.26
CA GLY A 85 -25.57 20.20 3.17
C GLY A 85 -25.15 20.11 4.64
N LEU A 86 -24.20 19.23 4.94
CA LEU A 86 -23.83 19.00 6.34
C LEU A 86 -23.20 20.24 6.95
N THR A 87 -22.45 21.00 6.15
CA THR A 87 -21.88 22.25 6.62
C THR A 87 -22.97 23.28 6.97
N ARG A 88 -23.99 23.40 6.10
CA ARG A 88 -25.09 24.30 6.39
C ARG A 88 -25.79 23.92 7.69
N LEU A 89 -25.90 22.61 7.97
CA LEU A 89 -26.49 22.14 9.20
C LEU A 89 -25.57 22.29 10.40
N GLY A 90 -24.29 22.60 10.21
CA GLY A 90 -23.37 22.57 11.32
C GLY A 90 -23.18 21.19 11.91
N ALA A 91 -23.30 20.14 11.10
CA ALA A 91 -23.36 18.79 11.64
C ALA A 91 -22.03 18.33 12.23
N GLY A 92 -20.92 18.93 11.78
CA GLY A 92 -19.62 18.57 12.30
C GLY A 92 -19.46 18.82 13.78
N ASN A 93 -20.29 19.68 14.37
CA ASN A 93 -20.25 19.89 15.81
C ASN A 93 -21.54 19.44 16.49
N LYS A 94 -22.34 18.61 15.82
CA LYS A 94 -23.51 17.99 16.44
C LYS A 94 -23.29 16.51 16.71
N VAL A 95 -22.03 16.11 16.84
CA VAL A 95 -21.64 14.75 17.14
C VAL A 95 -21.38 14.67 18.63
N HIS A 96 -21.82 13.61 19.27
CA HIS A 96 -21.50 13.45 20.68
C HIS A 96 -19.98 13.39 20.83
N PRO A 97 -19.39 14.11 21.80
CA PRO A 97 -17.93 14.15 21.93
C PRO A 97 -17.28 12.78 22.01
N ARG A 98 -17.89 11.84 22.75
CA ARG A 98 -17.32 10.50 22.81
C ARG A 98 -17.11 9.94 21.42
N TRP A 99 -18.12 10.10 20.55
CA TRP A 99 -18.01 9.55 19.22
C TRP A 99 -17.07 10.39 18.35
N GLY A 100 -17.18 11.72 18.46
CA GLY A 100 -16.28 12.58 17.70
C GLY A 100 -14.83 12.27 17.98
N GLU A 101 -14.50 11.93 19.24
CA GLU A 101 -13.15 11.50 19.59
C GLU A 101 -12.84 10.13 19.01
N THR A 102 -13.78 9.19 19.10
N THR A 102 -13.78 9.19 19.10
CA THR A 102 -13.55 7.84 18.60
CA THR A 102 -13.55 7.84 18.57
C THR A 102 -13.22 7.83 17.10
C THR A 102 -13.17 7.88 17.10
N MET A 103 -13.77 8.78 16.33
CA MET A 103 -13.52 8.81 14.89
C MET A 103 -12.10 9.25 14.55
N LYS A 104 -11.41 9.94 15.46
CA LYS A 104 -10.00 10.20 15.24
C LYS A 104 -9.24 8.89 15.07
N VAL A 105 -9.60 7.90 15.87
CA VAL A 105 -8.91 6.63 15.83
C VAL A 105 -9.51 5.75 14.73
N ILE A 106 -10.84 5.65 14.69
CA ILE A 106 -11.47 4.75 13.72
C ILE A 106 -11.07 5.13 12.30
N SER A 107 -11.14 6.42 11.96
CA SER A 107 -10.88 6.79 10.57
C SER A 107 -9.41 6.65 10.21
N ASN A 108 -8.51 7.03 11.12
CA ASN A 108 -7.10 6.95 10.75
C ASN A 108 -6.60 5.51 10.74
N PHE A 109 -7.01 4.71 11.72
CA PHE A 109 -6.65 3.30 11.71
C PHE A 109 -7.16 2.61 10.45
N LEU A 110 -8.41 2.86 10.07
CA LEU A 110 -8.93 2.29 8.83
C LEU A 110 -8.17 2.84 7.62
N GLU A 111 -7.76 4.10 7.67
CA GLU A 111 -7.02 4.67 6.56
C GLU A 111 -5.76 3.86 6.23
N VAL A 112 -5.03 3.39 7.26
CA VAL A 112 -3.81 2.67 6.92
C VAL A 112 -4.16 1.33 6.27
N GLY A 113 -5.33 0.77 6.59
CA GLY A 113 -5.77 -0.44 5.92
C GLY A 113 -6.15 -0.17 4.47
N GLU A 114 -6.79 0.97 4.20
CA GLU A 114 -7.01 1.36 2.82
C GLU A 114 -5.67 1.55 2.12
N TYR A 115 -4.75 2.28 2.75
CA TYR A 115 -3.49 2.59 2.09
C TYR A 115 -2.71 1.33 1.74
N ASN A 116 -2.52 0.44 2.71
CA ASN A 116 -1.73 -0.76 2.45
C ASN A 116 -2.44 -1.68 1.45
N ALA A 117 -3.77 -1.62 1.39
CA ALA A 117 -4.52 -2.37 0.40
C ALA A 117 -4.25 -1.92 -1.03
N ILE A 118 -3.77 -0.69 -1.23
CA ILE A 118 -3.30 -0.30 -2.56
C ILE A 118 -2.12 -1.17 -2.96
N ALA A 119 -1.13 -1.27 -2.06
CA ALA A 119 0.07 -2.05 -2.32
C ALA A 119 -0.23 -3.55 -2.38
N ALA A 120 -1.16 -4.02 -1.56
CA ALA A 120 -1.48 -5.44 -1.58
C ALA A 120 -2.16 -5.80 -2.90
N SER A 121 -3.06 -4.95 -3.37
CA SER A 121 -3.75 -5.21 -4.62
C SER A 121 -2.79 -5.14 -5.81
N ALA A 122 -1.82 -4.22 -5.77
CA ALA A 122 -0.79 -4.21 -6.81
C ALA A 122 0.00 -5.51 -6.80
N MET A 123 0.34 -6.01 -5.61
CA MET A 123 1.07 -7.28 -5.54
C MET A 123 0.26 -8.41 -6.16
N LEU A 124 -1.05 -8.41 -5.94
CA LEU A 124 -1.91 -9.45 -6.52
C LEU A 124 -2.01 -9.30 -8.04
N TRP A 125 -2.20 -8.06 -8.51
CA TRP A 125 -2.08 -7.75 -9.93
C TRP A 125 -0.82 -8.36 -10.53
N ASP A 126 0.30 -8.31 -9.79
CA ASP A 126 1.55 -8.90 -10.27
C ASP A 126 1.51 -10.43 -10.29
N SER A 127 0.80 -11.04 -9.33
CA SER A 127 0.73 -12.50 -9.24
C SER A 127 -0.16 -13.10 -10.33
N ALA A 128 -1.22 -12.42 -10.72
CA ALA A 128 -2.11 -12.95 -11.73
C ALA A 128 -1.42 -13.00 -13.09
N THR A 129 -1.80 -13.99 -13.90
CA THR A 129 -1.36 -14.04 -15.28
C THR A 129 -2.45 -13.70 -16.28
N ALA A 130 -3.72 -13.93 -15.95
CA ALA A 130 -4.80 -13.58 -16.85
C ALA A 130 -5.03 -12.07 -16.80
N ALA A 131 -5.23 -11.48 -17.98
CA ALA A 131 -5.42 -10.02 -18.06
C ALA A 131 -6.68 -9.59 -17.32
N GLU A 132 -7.75 -10.39 -17.38
CA GLU A 132 -8.96 -10.01 -16.65
C GLU A 132 -8.71 -10.03 -15.14
N GLN A 133 -7.94 -10.99 -14.65
CA GLN A 133 -7.69 -11.05 -13.22
C GLN A 133 -6.81 -9.91 -12.77
N LYS A 134 -5.77 -9.59 -13.55
CA LYS A 134 -4.99 -8.39 -13.27
C LYS A 134 -5.90 -7.16 -13.22
N ASN A 135 -6.90 -7.10 -14.09
CA ASN A 135 -7.76 -5.93 -14.18
C ASN A 135 -8.64 -5.79 -12.95
N GLY A 136 -9.15 -6.92 -12.43
CA GLY A 136 -9.91 -6.87 -11.19
C GLY A 136 -9.09 -6.32 -10.03
N TYR A 137 -7.86 -6.79 -9.89
CA TYR A 137 -6.98 -6.26 -8.85
C TYR A 137 -6.66 -4.79 -9.08
N LEU A 138 -6.50 -4.40 -10.35
CA LEU A 138 -6.22 -2.99 -10.66
C LEU A 138 -7.37 -2.10 -10.22
N ALA A 139 -8.60 -2.50 -10.55
CA ALA A 139 -9.75 -1.73 -10.07
C ALA A 139 -9.72 -1.58 -8.55
N GLN A 140 -9.33 -2.64 -7.84
CA GLN A 140 -9.19 -2.54 -6.39
C GLN A 140 -8.03 -1.62 -6.01
N VAL A 141 -6.92 -1.65 -6.75
CA VAL A 141 -5.83 -0.71 -6.48
C VAL A 141 -6.35 0.73 -6.47
N LEU A 142 -7.12 1.10 -7.49
CA LEU A 142 -7.65 2.46 -7.57
C LEU A 142 -8.62 2.75 -6.43
N ASP A 143 -9.55 1.82 -6.16
CA ASP A 143 -10.53 2.00 -5.08
C ASP A 143 -9.85 2.24 -3.74
N GLU A 144 -8.77 1.51 -3.46
CA GLU A 144 -8.12 1.67 -2.16
C GLU A 144 -7.41 3.01 -2.05
N ILE A 145 -7.03 3.61 -3.18
CA ILE A 145 -6.60 5.00 -3.13
C ILE A 145 -7.78 5.90 -2.77
N ARG A 146 -8.94 5.66 -3.39
CA ARG A 146 -10.13 6.45 -3.08
C ARG A 146 -10.46 6.34 -1.61
N HIS A 147 -10.43 5.12 -1.07
CA HIS A 147 -10.79 4.90 0.33
C HIS A 147 -9.77 5.53 1.27
N THR A 148 -8.48 5.50 0.91
CA THR A 148 -7.47 6.20 1.70
C THR A 148 -7.81 7.67 1.84
N HIS A 149 -8.13 8.31 0.71
CA HIS A 149 -8.45 9.74 0.72
C HIS A 149 -9.82 10.01 1.33
N GLN A 150 -10.71 9.03 1.34
CA GLN A 150 -12.00 9.22 2.01
C GLN A 150 -11.83 9.22 3.52
N CYS A 151 -11.06 8.28 4.05
CA CYS A 151 -10.76 8.27 5.48
C CYS A 151 -10.06 9.56 5.88
N ALA A 152 -9.06 9.97 5.09
CA ALA A 152 -8.42 11.26 5.29
C ALA A 152 -9.45 12.36 5.33
N PHE A 153 -10.43 12.33 4.42
CA PHE A 153 -11.38 13.42 4.31
C PHE A 153 -12.27 13.50 5.54
N ILE A 154 -12.61 12.36 6.15
CA ILE A 154 -13.35 12.40 7.40
C ILE A 154 -12.59 13.19 8.45
N ASN A 155 -11.34 12.83 8.71
CA ASN A 155 -10.56 13.56 9.71
C ASN A 155 -10.25 14.98 9.26
N HIS A 156 -10.06 15.21 7.97
CA HIS A 156 -9.91 16.57 7.46
C HIS A 156 -11.17 17.41 7.77
N TYR A 157 -12.34 16.82 7.58
CA TYR A 157 -13.57 17.57 7.78
C TYR A 157 -13.84 17.82 9.26
N TYR A 158 -13.70 16.79 10.10
CA TYR A 158 -13.73 16.99 11.53
C TYR A 158 -12.77 18.09 11.97
N SER A 159 -11.55 18.08 11.43
CA SER A 159 -10.58 19.11 11.78
C SER A 159 -11.14 20.51 11.53
N LYS A 160 -12.00 20.67 10.53
CA LYS A 160 -12.54 21.98 10.19
C LYS A 160 -13.76 22.35 11.02
N HIS A 161 -14.61 21.39 11.36
CA HIS A 161 -15.96 21.73 11.81
C HIS A 161 -16.30 21.24 13.21
N TYR A 162 -15.44 20.45 13.83
CA TYR A 162 -15.74 19.82 15.10
C TYR A 162 -14.95 20.53 16.20
N HIS A 163 -15.47 20.49 17.44
CA HIS A 163 -14.96 21.35 18.50
C HIS A 163 -13.56 20.97 18.98
N ASP A 164 -13.06 19.78 18.69
CA ASP A 164 -11.68 19.42 19.06
C ASP A 164 -10.95 18.85 17.86
N PRO A 165 -10.23 19.68 17.11
CA PRO A 165 -9.50 19.19 15.93
C PRO A 165 -8.20 18.46 16.24
N ALA A 166 -7.63 18.63 17.44
CA ALA A 166 -6.36 18.00 17.74
C ALA A 166 -6.51 16.48 17.67
N GLY A 167 -5.58 15.82 16.99
CA GLY A 167 -5.69 14.38 16.85
C GLY A 167 -6.49 13.98 15.63
N HIS A 168 -7.59 14.70 15.34
CA HIS A 168 -8.16 14.64 13.99
C HIS A 168 -7.18 15.20 12.96
N ASN A 169 -6.25 16.06 13.39
CA ASN A 169 -5.47 16.85 12.46
C ASN A 169 -4.02 16.39 12.35
N ASP A 170 -3.63 15.29 12.99
CA ASP A 170 -2.22 14.90 12.96
C ASP A 170 -1.97 13.44 13.33
N ALA A 171 -2.94 12.55 13.06
CA ALA A 171 -2.78 11.18 13.52
C ALA A 171 -1.67 10.47 12.78
N ARG A 172 -1.40 10.86 11.53
CA ARG A 172 -0.34 10.21 10.79
C ARG A 172 1.01 10.34 11.45
N ARG A 173 1.13 11.19 12.47
CA ARG A 173 2.30 11.12 13.32
C ARG A 173 1.97 10.83 14.76
N THR A 174 0.83 11.26 15.28
CA THR A 174 0.58 11.01 16.69
C THR A 174 0.15 9.57 16.96
N ARG A 175 -0.32 8.84 15.95
CA ARG A 175 -0.56 7.42 16.15
C ARG A 175 0.70 6.67 16.57
N ALA A 176 1.88 7.18 16.23
CA ALA A 176 3.11 6.43 16.51
C ALA A 176 3.43 6.38 17.99
N ILE A 177 2.74 7.16 18.83
CA ILE A 177 3.09 7.17 20.24
C ILE A 177 2.62 5.90 20.93
N GLY A 178 1.47 5.35 20.53
CA GLY A 178 0.77 4.43 21.40
C GLY A 178 0.74 2.97 20.97
N PRO A 179 0.42 2.09 21.92
CA PRO A 179 0.41 0.65 21.61
C PRO A 179 -0.79 0.21 20.78
N LEU A 180 -1.91 0.95 20.79
CA LEU A 180 -3.07 0.55 19.99
C LEU A 180 -2.76 0.57 18.50
N TRP A 181 -1.85 1.46 18.09
CA TRP A 181 -1.49 1.58 16.68
C TRP A 181 -0.66 0.39 16.20
N LYS A 182 0.21 -0.15 17.07
CA LYS A 182 1.01 -1.31 16.69
C LYS A 182 0.14 -2.47 16.22
N GLY A 183 -0.90 -2.80 16.99
CA GLY A 183 -1.80 -3.88 16.60
C GLY A 183 -2.49 -3.58 15.28
N MET A 184 -2.82 -2.31 15.03
CA MET A 184 -3.45 -1.96 13.77
C MET A 184 -2.52 -2.21 12.60
N LYS A 185 -1.22 -1.93 12.78
CA LYS A 185 -0.27 -2.14 11.69
C LYS A 185 -0.18 -3.62 11.30
N ARG A 186 -0.36 -4.53 12.27
CA ARG A 186 -0.30 -5.95 11.94
C ARG A 186 -1.49 -6.35 11.07
N VAL A 187 -2.72 -6.02 11.48
CA VAL A 187 -3.87 -6.51 10.72
C VAL A 187 -4.09 -5.70 9.44
N PHE A 188 -3.89 -4.38 9.47
CA PHE A 188 -4.27 -3.52 8.35
C PHE A 188 -3.09 -2.99 7.54
N ALA A 189 -1.87 -3.22 7.97
CA ALA A 189 -0.75 -2.76 7.17
C ALA A 189 0.09 -3.95 6.76
N ASP A 190 0.88 -4.47 7.69
CA ASP A 190 1.84 -5.51 7.36
C ASP A 190 1.14 -6.80 6.95
N GLY A 191 0.05 -7.15 7.64
CA GLY A 191 -0.70 -8.34 7.30
C GLY A 191 -1.25 -8.35 5.89
N PHE A 192 -1.33 -7.17 5.25
CA PHE A 192 -1.84 -7.06 3.90
C PHE A 192 -0.78 -7.24 2.82
N ILE A 193 0.51 -7.02 3.12
CA ILE A 193 1.50 -6.86 2.06
C ILE A 193 2.74 -7.71 2.27
N SER A 194 2.88 -8.44 3.38
CA SER A 194 4.14 -9.14 3.67
C SER A 194 3.93 -10.65 3.74
N GLY A 195 4.24 -11.34 2.65
CA GLY A 195 4.16 -12.79 2.59
C GLY A 195 3.82 -13.21 1.17
N ASP A 196 3.53 -14.51 1.04
CA ASP A 196 2.88 -15.03 -0.17
C ASP A 196 1.69 -14.14 -0.54
N ALA A 197 1.62 -13.74 -1.82
CA ALA A 197 0.50 -12.91 -2.26
C ALA A 197 -0.83 -13.56 -1.91
N VAL A 198 -0.89 -14.89 -1.97
CA VAL A 198 -2.13 -15.60 -1.62
C VAL A 198 -2.42 -15.45 -0.14
N GLU A 199 -1.39 -15.52 0.72
CA GLU A 199 -1.60 -15.26 2.14
C GLU A 199 -2.11 -13.84 2.35
N CYS A 200 -1.54 -12.88 1.62
CA CYS A 200 -2.01 -11.50 1.73
C CYS A 200 -3.42 -11.36 1.19
N SER A 201 -3.76 -12.13 0.14
CA SER A 201 -5.11 -12.08 -0.40
C SER A 201 -6.15 -12.53 0.63
N VAL A 202 -5.89 -13.64 1.32
CA VAL A 202 -6.87 -14.11 2.30
C VAL A 202 -6.94 -13.15 3.48
N ASN A 203 -5.81 -12.54 3.87
CA ASN A 203 -5.84 -11.49 4.88
C ASN A 203 -6.70 -10.32 4.44
N LEU A 204 -6.43 -9.78 3.25
CA LEU A 204 -7.10 -8.57 2.80
C LEU A 204 -8.50 -8.85 2.27
N GLN A 205 -8.62 -9.80 1.35
CA GLN A 205 -9.84 -9.95 0.55
C GLN A 205 -10.79 -10.99 1.11
N LEU A 206 -10.28 -12.19 1.40
CA LEU A 206 -11.17 -13.25 1.84
C LEU A 206 -11.65 -13.04 3.28
N VAL A 207 -10.84 -12.42 4.11
CA VAL A 207 -11.18 -12.17 5.51
C VAL A 207 -11.45 -10.68 5.76
N GLY A 208 -10.45 -9.83 5.53
CA GLY A 208 -10.62 -8.42 5.85
C GLY A 208 -11.82 -7.79 5.14
N GLU A 209 -12.08 -8.23 3.91
CA GLU A 209 -13.14 -7.65 3.10
C GLU A 209 -14.39 -8.54 3.07
N ALA A 210 -14.24 -9.82 2.66
CA ALA A 210 -15.39 -10.72 2.60
C ALA A 210 -15.94 -11.09 3.97
N CYS A 211 -15.12 -11.02 5.02
CA CYS A 211 -15.62 -11.35 6.36
C CYS A 211 -15.92 -10.10 7.17
N PHE A 212 -14.98 -9.17 7.26
CA PHE A 212 -15.08 -8.09 8.24
C PHE A 212 -15.58 -6.77 7.70
N THR A 213 -15.56 -6.52 6.39
CA THR A 213 -15.93 -5.19 5.90
C THR A 213 -17.43 -4.93 5.98
N ASN A 214 -18.27 -5.95 5.81
CA ASN A 214 -19.71 -5.74 6.03
C ASN A 214 -20.01 -5.38 7.47
N PRO A 215 -19.65 -6.19 8.48
CA PRO A 215 -19.92 -5.78 9.86
C PRO A 215 -19.26 -4.46 10.22
N LEU A 216 -18.06 -4.20 9.69
CA LEU A 216 -17.40 -2.92 9.93
C LEU A 216 -18.27 -1.76 9.46
N ILE A 217 -18.72 -1.81 8.20
CA ILE A 217 -19.44 -0.67 7.64
C ILE A 217 -20.79 -0.50 8.31
N VAL A 218 -21.55 -1.60 8.41
CA VAL A 218 -22.85 -1.54 9.08
C VAL A 218 -22.70 -0.94 10.48
N ALA A 219 -21.74 -1.45 11.25
CA ALA A 219 -21.56 -0.96 12.60
C ALA A 219 -21.08 0.48 12.61
N VAL A 220 -20.05 0.79 11.82
CA VAL A 220 -19.49 2.14 11.86
C VAL A 220 -20.56 3.17 11.49
N THR A 221 -21.36 2.89 10.48
CA THR A 221 -22.34 3.88 10.08
C THR A 221 -23.51 3.90 11.05
N GLU A 222 -23.90 2.75 11.62
CA GLU A 222 -24.98 2.73 12.61
C GLU A 222 -24.56 3.36 13.93
N TRP A 223 -23.35 3.05 14.42
CA TRP A 223 -22.90 3.70 15.64
C TRP A 223 -22.70 5.20 15.43
N ALA A 224 -22.21 5.59 14.26
CA ALA A 224 -21.97 7.01 14.01
C ALA A 224 -23.28 7.79 13.97
N SER A 225 -24.27 7.30 13.21
CA SER A 225 -25.53 8.04 13.13
C SER A 225 -26.27 8.02 14.45
N ALA A 226 -26.09 6.97 15.25
CA ALA A 226 -26.72 6.96 16.57
C ALA A 226 -26.21 8.09 17.43
N ASN A 227 -24.96 8.50 17.22
CA ASN A 227 -24.30 9.48 18.05
C ASN A 227 -24.18 10.85 17.39
N GLY A 228 -25.02 11.12 16.38
CA GLY A 228 -25.08 12.42 15.74
C GLY A 228 -24.11 12.63 14.61
N ASP A 229 -23.31 11.63 14.26
CA ASP A 229 -22.30 11.76 13.22
C ASP A 229 -22.91 11.34 11.87
N GLU A 230 -23.11 12.31 10.99
CA GLU A 230 -23.60 12.03 9.65
C GLU A 230 -22.52 12.19 8.60
N ILE A 231 -21.30 12.55 9.00
CA ILE A 231 -20.15 12.58 8.11
C ILE A 231 -19.71 11.16 7.75
N THR A 232 -19.52 10.33 8.77
CA THR A 232 -19.00 8.99 8.53
C THR A 232 -19.96 8.11 7.71
N PRO A 233 -21.28 8.10 7.96
CA PRO A 233 -22.16 7.34 7.07
C PRO A 233 -22.09 7.80 5.62
N THR A 234 -21.91 9.09 5.37
CA THR A 234 -21.88 9.57 3.98
C THR A 234 -20.70 8.99 3.22
N VAL A 235 -19.56 8.86 3.89
CA VAL A 235 -18.36 8.34 3.27
C VAL A 235 -18.41 6.82 3.17
N PHE A 236 -18.62 6.15 4.31
CA PHE A 236 -18.44 4.71 4.34
C PHE A 236 -19.57 3.96 3.64
N LEU A 237 -20.76 4.54 3.54
CA LEU A 237 -21.77 3.92 2.68
C LEU A 237 -21.36 4.01 1.22
N SER A 238 -20.54 5.00 0.87
CA SER A 238 -20.00 5.01 -0.49
C SER A 238 -18.87 4.00 -0.64
N VAL A 239 -18.03 3.87 0.40
CA VAL A 239 -16.95 2.88 0.39
C VAL A 239 -17.50 1.47 0.25
N GLU A 240 -18.70 1.22 0.78
CA GLU A 240 -19.27 -0.12 0.74
C GLU A 240 -19.52 -0.57 -0.68
N THR A 241 -19.96 0.35 -1.54
CA THR A 241 -20.27 -0.03 -2.91
C THR A 241 -19.03 -0.51 -3.65
N ASP A 242 -17.86 0.08 -3.35
CA ASP A 242 -16.62 -0.41 -3.93
C ASP A 242 -16.21 -1.76 -3.33
N GLU A 243 -16.37 -1.91 -2.01
CA GLU A 243 -15.87 -3.10 -1.33
C GLU A 243 -16.58 -4.37 -1.74
N LEU A 244 -17.82 -4.28 -2.24
CA LEU A 244 -18.49 -5.45 -2.80
C LEU A 244 -17.67 -6.06 -3.92
N ARG A 245 -17.05 -5.23 -4.76
CA ARG A 245 -16.23 -5.75 -5.86
C ARG A 245 -14.97 -6.42 -5.33
N HIS A 246 -14.46 -5.96 -4.19
CA HIS A 246 -13.21 -6.50 -3.68
C HIS A 246 -13.41 -7.90 -3.10
N MET A 247 -14.57 -8.14 -2.46
CA MET A 247 -14.92 -9.48 -2.04
C MET A 247 -14.92 -10.43 -3.23
N ALA A 248 -15.36 -9.95 -4.40
CA ALA A 248 -15.32 -10.75 -5.62
C ALA A 248 -13.88 -11.01 -6.09
N ASN A 249 -12.95 -10.09 -5.81
CA ASN A 249 -11.54 -10.37 -6.06
C ASN A 249 -11.05 -11.51 -5.16
N GLY A 250 -11.43 -11.49 -3.88
CA GLY A 250 -11.00 -12.54 -2.98
C GLY A 250 -11.52 -13.90 -3.41
N TYR A 251 -12.77 -13.93 -3.87
CA TYR A 251 -13.36 -15.15 -4.41
C TYR A 251 -12.57 -15.66 -5.62
N GLN A 252 -12.20 -14.76 -6.53
CA GLN A 252 -11.52 -15.17 -7.75
C GLN A 252 -10.07 -15.55 -7.52
N THR A 253 -9.45 -15.06 -6.45
CA THR A 253 -8.14 -15.57 -6.08
C THR A 253 -8.21 -17.06 -5.75
N VAL A 254 -9.21 -17.45 -4.95
CA VAL A 254 -9.37 -18.86 -4.61
C VAL A 254 -9.72 -19.68 -5.86
N VAL A 255 -10.58 -19.15 -6.73
CA VAL A 255 -10.87 -19.85 -7.98
C VAL A 255 -9.62 -20.00 -8.82
N SER A 256 -8.83 -18.93 -8.96
CA SER A 256 -7.69 -18.93 -9.88
C SER A 256 -6.65 -19.97 -9.52
N ILE A 257 -6.58 -20.40 -8.26
CA ILE A 257 -5.57 -21.37 -7.83
C ILE A 257 -6.18 -22.72 -7.50
N ALA A 258 -7.47 -22.91 -7.77
CA ALA A 258 -8.16 -24.10 -7.29
C ALA A 258 -7.60 -25.39 -7.88
N ASN A 259 -7.11 -25.34 -9.11
CA ASN A 259 -6.60 -26.52 -9.80
C ASN A 259 -5.08 -26.65 -9.71
N ASP A 260 -4.43 -25.74 -9.02
CA ASP A 260 -3.04 -25.94 -8.65
C ASP A 260 -2.97 -26.89 -7.46
N PRO A 261 -2.23 -28.00 -7.55
CA PRO A 261 -2.11 -28.90 -6.39
C PRO A 261 -1.56 -28.25 -5.12
N ALA A 262 -0.83 -27.12 -5.26
CA ALA A 262 -0.35 -26.43 -4.09
C ALA A 262 -1.48 -25.85 -3.26
N SER A 263 -2.63 -25.60 -3.90
CA SER A 263 -3.79 -25.12 -3.16
C SER A 263 -4.21 -26.10 -2.08
N ALA A 264 -4.28 -27.39 -2.43
CA ALA A 264 -4.72 -28.40 -1.46
C ALA A 264 -3.71 -28.59 -0.34
N LYS A 265 -2.43 -28.30 -0.60
CA LYS A 265 -1.40 -28.46 0.42
C LYS A 265 -1.37 -27.29 1.41
N PHE A 266 -1.63 -26.08 0.94
CA PHE A 266 -1.28 -24.87 1.64
C PHE A 266 -2.45 -23.93 1.93
N LEU A 267 -3.51 -23.95 1.12
CA LEU A 267 -4.44 -22.82 1.16
C LEU A 267 -5.11 -22.68 2.51
N ASN A 268 -5.56 -23.78 3.10
CA ASN A 268 -6.27 -23.67 4.37
C ASN A 268 -5.34 -23.30 5.53
N THR A 269 -4.04 -23.55 5.40
CA THR A 269 -3.07 -23.05 6.38
C THR A 269 -2.95 -21.53 6.30
N ASP A 270 -2.82 -20.99 5.09
CA ASP A 270 -2.77 -19.53 4.92
C ASP A 270 -4.06 -18.87 5.38
N LEU A 271 -5.21 -19.49 5.11
CA LEU A 271 -6.49 -18.88 5.49
C LEU A 271 -6.69 -18.91 7.00
N ASN A 272 -6.41 -20.04 7.64
CA ASN A 272 -6.49 -20.10 9.09
C ASN A 272 -5.59 -19.05 9.74
N ASN A 273 -4.34 -18.95 9.29
CA ASN A 273 -3.44 -17.94 9.83
C ASN A 273 -3.97 -16.54 9.58
N ALA A 274 -4.49 -16.28 8.39
CA ALA A 274 -4.98 -14.95 8.06
C ALA A 274 -6.21 -14.60 8.87
N PHE A 275 -7.14 -15.56 9.01
CA PHE A 275 -8.35 -15.28 9.78
C PHE A 275 -8.02 -14.98 11.23
N TRP A 276 -7.10 -15.76 11.83
CA TRP A 276 -6.70 -15.49 13.20
C TRP A 276 -6.00 -14.14 13.31
N THR A 277 -5.08 -13.87 12.39
CA THR A 277 -4.43 -12.57 12.31
C THR A 277 -5.46 -11.43 12.34
N GLN A 278 -6.45 -11.48 11.46
CA GLN A 278 -7.40 -10.37 11.35
C GLN A 278 -8.24 -10.27 12.61
N GLN A 279 -8.86 -11.39 13.03
CA GLN A 279 -9.76 -11.34 14.17
C GLN A 279 -9.05 -10.95 15.45
N LYS A 280 -7.78 -11.32 15.59
CA LYS A 280 -7.07 -11.10 16.85
C LYS A 280 -7.09 -9.65 17.29
N TYR A 281 -6.96 -8.72 16.33
CA TYR A 281 -7.06 -7.31 16.68
C TYR A 281 -8.34 -6.67 16.22
N PHE A 282 -8.83 -7.04 15.03
CA PHE A 282 -9.99 -6.34 14.49
C PHE A 282 -11.21 -6.55 15.39
N THR A 283 -11.35 -7.73 15.95
CA THR A 283 -12.48 -8.00 16.83
C THR A 283 -12.45 -7.07 18.03
N PRO A 284 -11.42 -7.14 18.90
CA PRO A 284 -11.48 -6.28 20.10
C PRO A 284 -11.33 -4.80 19.81
N VAL A 285 -10.57 -4.38 18.79
CA VAL A 285 -10.36 -2.94 18.68
C VAL A 285 -11.64 -2.24 18.22
N LEU A 286 -12.38 -2.82 17.27
CA LEU A 286 -13.63 -2.19 16.84
C LEU A 286 -14.68 -2.28 17.93
N GLY A 287 -14.80 -3.44 18.56
CA GLY A 287 -15.73 -3.57 19.69
C GLY A 287 -15.49 -2.51 20.74
N TYR A 288 -14.22 -2.31 21.11
CA TYR A 288 -13.88 -1.29 22.09
C TYR A 288 -14.25 0.11 21.58
N LEU A 289 -13.79 0.46 20.39
CA LEU A 289 -14.06 1.80 19.88
C LEU A 289 -15.55 2.08 19.75
N PHE A 290 -16.37 1.06 19.43
CA PHE A 290 -17.80 1.27 19.28
C PHE A 290 -18.45 1.46 20.64
N GLU A 291 -18.35 0.46 21.51
CA GLU A 291 -19.12 0.47 22.74
C GLU A 291 -18.58 1.47 23.76
N TYR A 292 -17.27 1.73 23.77
CA TYR A 292 -16.72 2.66 24.73
C TYR A 292 -16.54 4.07 24.17
N GLY A 293 -16.48 4.21 22.85
CA GLY A 293 -16.39 5.55 22.31
C GLY A 293 -17.74 6.10 21.89
N SER A 294 -18.81 5.63 22.53
CA SER A 294 -20.16 6.03 22.17
C SER A 294 -20.94 6.42 23.41
N LYS A 295 -21.91 7.30 23.22
CA LYS A 295 -22.90 7.56 24.24
C LYS A 295 -24.15 6.72 24.02
N PHE A 296 -24.70 6.74 22.81
CA PHE A 296 -25.88 5.95 22.50
C PHE A 296 -25.44 4.64 21.86
N LYS A 297 -26.06 3.56 22.30
CA LYS A 297 -25.68 2.20 21.96
C LYS A 297 -26.62 1.63 20.89
N VAL A 298 -26.06 0.87 19.95
CA VAL A 298 -26.83 0.42 18.79
C VAL A 298 -27.25 -1.04 18.93
N GLU A 299 -26.29 -1.91 19.10
CA GLU A 299 -26.46 -3.36 19.22
C GLU A 299 -25.12 -3.85 19.72
N PRO A 300 -25.09 -4.75 20.70
CA PRO A 300 -23.81 -5.24 21.21
C PRO A 300 -22.93 -5.74 20.08
N TRP A 301 -21.66 -5.31 20.12
CA TRP A 301 -20.70 -5.71 19.09
C TRP A 301 -20.69 -7.22 18.92
N VAL A 302 -20.81 -7.95 20.02
CA VAL A 302 -20.77 -9.41 19.96
C VAL A 302 -21.86 -9.95 19.04
N LYS A 303 -23.08 -9.41 19.14
CA LYS A 303 -24.16 -9.85 18.25
C LYS A 303 -23.82 -9.57 16.79
N THR A 304 -23.25 -8.38 16.52
CA THR A 304 -22.85 -8.03 15.17
C THR A 304 -21.80 -8.99 14.62
N TRP A 305 -20.80 -9.31 15.45
CA TRP A 305 -19.77 -10.28 15.08
C TRP A 305 -20.38 -11.65 14.79
N ASN A 306 -21.23 -12.14 15.69
CA ASN A 306 -21.83 -13.45 15.51
C ASN A 306 -22.56 -13.54 14.18
N ARG A 307 -23.40 -12.53 13.87
CA ARG A 307 -24.22 -12.60 12.67
C ARG A 307 -23.37 -12.59 11.41
N TRP A 308 -22.40 -11.68 11.33
CA TRP A 308 -21.65 -11.52 10.09
C TRP A 308 -20.46 -12.47 9.99
N VAL A 309 -19.66 -12.54 11.05
CA VAL A 309 -18.45 -13.37 11.02
C VAL A 309 -18.80 -14.84 11.13
N TYR A 310 -19.54 -15.20 12.18
CA TYR A 310 -19.77 -16.62 12.46
C TYR A 310 -20.80 -17.22 11.50
N GLU A 311 -21.94 -16.54 11.33
CA GLU A 311 -23.03 -17.10 10.54
C GLU A 311 -22.83 -16.84 9.04
N ASP A 312 -22.73 -15.58 8.65
CA ASP A 312 -22.76 -15.25 7.22
C ASP A 312 -21.46 -15.65 6.53
N TRP A 313 -20.31 -15.27 7.09
CA TRP A 313 -19.05 -15.61 6.43
C TRP A 313 -18.64 -17.04 6.71
N GLY A 314 -18.51 -17.41 7.99
CA GLY A 314 -18.14 -18.78 8.33
C GLY A 314 -19.13 -19.82 7.82
N GLY A 315 -20.38 -19.44 7.66
CA GLY A 315 -21.38 -20.34 7.10
C GLY A 315 -21.52 -20.24 5.59
N ILE A 316 -22.07 -19.13 5.10
CA ILE A 316 -22.42 -19.02 3.69
C ILE A 316 -21.17 -18.93 2.82
N TRP A 317 -20.37 -17.86 3.01
CA TRP A 317 -19.19 -17.64 2.20
C TRP A 317 -18.28 -18.87 2.21
N ILE A 318 -17.83 -19.28 3.40
CA ILE A 318 -16.94 -20.43 3.50
C ILE A 318 -17.58 -21.67 2.86
N GLY A 319 -18.91 -21.80 3.02
CA GLY A 319 -19.58 -22.96 2.45
C GLY A 319 -19.48 -23.02 0.95
N ARG A 320 -19.80 -21.92 0.26
CA ARG A 320 -19.71 -21.91 -1.19
C ARG A 320 -18.28 -22.09 -1.67
N LEU A 321 -17.31 -21.59 -0.90
CA LEU A 321 -15.91 -21.74 -1.23
C LEU A 321 -15.40 -23.17 -1.10
N GLY A 322 -16.18 -24.07 -0.49
CA GLY A 322 -15.83 -25.48 -0.52
C GLY A 322 -15.69 -26.04 -1.91
N LYS A 323 -16.30 -25.38 -2.91
CA LYS A 323 -16.20 -25.80 -4.30
C LYS A 323 -14.77 -25.70 -4.81
N TYR A 324 -13.92 -24.94 -4.11
CA TYR A 324 -12.53 -24.77 -4.47
C TYR A 324 -11.60 -25.19 -3.32
N GLY A 325 -12.08 -26.04 -2.42
CA GLY A 325 -11.26 -26.68 -1.42
C GLY A 325 -11.11 -25.92 -0.12
N VAL A 326 -11.87 -24.86 0.10
CA VAL A 326 -11.74 -24.07 1.32
C VAL A 326 -12.48 -24.75 2.46
N GLU A 327 -11.81 -24.86 3.60
CA GLU A 327 -12.42 -25.30 4.85
C GLU A 327 -12.63 -24.11 5.77
N SER A 328 -13.54 -24.28 6.72
CA SER A 328 -13.73 -23.27 7.76
C SER A 328 -12.51 -23.21 8.67
N PRO A 329 -12.09 -22.01 9.08
CA PRO A 329 -10.86 -21.89 9.87
C PRO A 329 -10.95 -22.62 11.20
N ALA A 330 -9.90 -23.41 11.51
CA ALA A 330 -9.86 -24.14 12.76
C ALA A 330 -9.89 -23.22 13.97
N SER A 331 -9.39 -21.99 13.83
CA SER A 331 -9.37 -21.04 14.93
C SER A 331 -10.69 -20.29 15.09
N LEU A 332 -11.74 -20.70 14.38
CA LEU A 332 -13.01 -19.98 14.46
C LEU A 332 -13.69 -20.13 15.81
N ARG A 333 -13.57 -21.30 16.46
CA ARG A 333 -14.15 -21.46 17.79
C ARG A 333 -13.48 -20.52 18.80
N ASP A 334 -12.15 -20.54 18.84
CA ASP A 334 -11.43 -19.65 19.76
C ASP A 334 -11.78 -18.20 19.52
N ALA A 335 -12.02 -17.83 18.26
CA ALA A 335 -12.32 -16.43 17.95
C ALA A 335 -13.71 -16.05 18.41
N LYS A 336 -14.62 -17.01 18.49
CA LYS A 336 -15.98 -16.70 18.93
C LYS A 336 -16.00 -16.38 20.42
N ARG A 337 -15.22 -17.10 21.22
CA ARG A 337 -15.12 -16.78 22.65
C ARG A 337 -14.47 -15.42 22.87
N ASP A 338 -13.50 -15.08 22.04
CA ASP A 338 -12.88 -13.75 22.11
C ASP A 338 -13.90 -12.66 21.81
N ALA A 339 -14.82 -12.91 20.89
CA ALA A 339 -15.72 -11.85 20.44
C ALA A 339 -16.62 -11.35 21.56
N TYR A 340 -16.76 -12.10 22.64
CA TYR A 340 -17.64 -11.72 23.75
C TYR A 340 -16.96 -10.83 24.76
N TRP A 341 -15.67 -11.07 25.06
CA TRP A 341 -14.99 -10.39 26.14
C TRP A 341 -13.73 -9.63 25.75
N ALA A 342 -13.17 -9.90 24.56
CA ALA A 342 -11.82 -9.40 24.27
C ALA A 342 -11.79 -7.89 24.08
N HIS A 343 -12.90 -7.27 23.66
CA HIS A 343 -12.87 -5.82 23.57
C HIS A 343 -13.02 -5.16 24.93
N HIS A 344 -13.73 -5.79 25.86
CA HIS A 344 -13.75 -5.28 27.23
C HIS A 344 -12.37 -5.40 27.86
N ASP A 345 -11.70 -6.54 27.66
CA ASP A 345 -10.31 -6.65 28.07
C ASP A 345 -9.48 -5.50 27.51
N LEU A 346 -9.63 -5.22 26.21
CA LEU A 346 -8.82 -4.19 25.56
C LEU A 346 -9.11 -2.81 26.13
N ALA A 347 -10.39 -2.49 26.32
CA ALA A 347 -10.80 -1.26 26.99
C ALA A 347 -10.02 -1.02 28.28
N LEU A 348 -9.83 -2.07 29.08
CA LEU A 348 -9.00 -1.94 30.28
C LEU A 348 -7.65 -1.30 29.95
N ALA A 349 -6.93 -1.88 28.99
CA ALA A 349 -5.61 -1.34 28.65
C ALA A 349 -5.73 0.04 28.01
N ALA A 350 -6.75 0.24 27.17
CA ALA A 350 -6.88 1.52 26.47
C ALA A 350 -7.17 2.67 27.44
N TYR A 351 -8.06 2.47 28.40
CA TYR A 351 -8.27 3.50 29.43
C TYR A 351 -7.05 3.63 30.34
N ALA A 352 -6.39 2.52 30.68
CA ALA A 352 -5.25 2.57 31.58
C ALA A 352 -4.07 3.32 30.98
N MET A 353 -3.90 3.27 29.66
CA MET A 353 -2.78 3.91 28.99
C MET A 353 -3.23 5.07 28.12
N TRP A 354 -4.33 5.70 28.50
CA TRP A 354 -4.89 6.81 27.71
C TRP A 354 -3.87 7.88 27.30
N PRO A 355 -2.86 8.27 28.09
CA PRO A 355 -1.94 9.34 27.63
C PRO A 355 -1.10 8.98 26.40
N LEU A 356 -1.06 7.72 26.01
CA LEU A 356 -0.30 7.35 24.82
C LEU A 356 -1.15 7.39 23.57
N GLY A 357 -2.46 7.65 23.70
CA GLY A 357 -3.35 7.74 22.55
C GLY A 357 -3.39 9.15 21.99
N PHE A 358 -4.36 9.37 21.11
CA PHE A 358 -4.57 10.72 20.56
C PHE A 358 -6.06 11.07 20.54
N ALA A 359 -6.82 10.52 21.47
CA ALA A 359 -8.25 10.78 21.56
C ALA A 359 -8.61 11.01 23.01
N ARG A 360 -9.75 11.67 23.23
CA ARG A 360 -10.26 11.95 24.56
C ARG A 360 -11.29 10.90 24.92
N LEU A 361 -11.13 10.28 26.08
CA LEU A 361 -11.88 9.10 26.49
C LEU A 361 -12.90 9.45 27.56
N ALA A 362 -13.95 8.64 27.64
CA ALA A 362 -14.98 8.83 28.66
C ALA A 362 -15.24 7.50 29.34
N LEU A 363 -15.08 7.47 30.66
CA LEU A 363 -15.45 6.28 31.40
C LEU A 363 -16.95 6.05 31.31
N PRO A 364 -17.38 4.79 31.25
CA PRO A 364 -18.82 4.52 31.18
C PRO A 364 -19.57 5.14 32.36
N ASP A 365 -20.61 5.90 32.06
CA ASP A 365 -21.45 6.44 33.11
C ASP A 365 -22.41 5.35 33.60
N GLU A 366 -23.30 5.73 34.51
CA GLU A 366 -24.24 4.77 35.09
C GLU A 366 -25.14 4.14 34.05
N GLU A 367 -25.63 4.94 33.09
CA GLU A 367 -26.41 4.37 31.99
C GLU A 367 -25.58 3.42 31.14
N ASP A 368 -24.33 3.81 30.84
CA ASP A 368 -23.46 2.93 30.08
C ASP A 368 -23.21 1.62 30.83
N GLN A 369 -23.02 1.70 32.15
CA GLN A 369 -22.73 0.51 32.93
C GLN A 369 -23.93 -0.43 33.00
N ALA A 370 -25.14 0.12 33.12
CA ALA A 370 -26.34 -0.69 33.05
C ALA A 370 -26.45 -1.39 31.70
N TRP A 371 -26.16 -0.65 30.62
CA TRP A 371 -26.16 -1.25 29.29
C TRP A 371 -25.14 -2.37 29.19
N PHE A 372 -23.91 -2.11 29.66
CA PHE A 372 -22.86 -3.13 29.60
C PHE A 372 -23.25 -4.37 30.39
N GLU A 373 -23.78 -4.17 31.61
CA GLU A 373 -24.11 -5.32 32.44
C GLU A 373 -25.31 -6.07 31.87
N ALA A 374 -26.23 -5.39 31.19
CA ALA A 374 -27.42 -6.04 30.68
C ALA A 374 -27.11 -6.89 29.45
N ASN A 375 -26.11 -6.47 28.66
CA ASN A 375 -25.75 -7.21 27.45
C ASN A 375 -24.51 -8.05 27.61
N TYR A 376 -23.68 -7.81 28.62
CA TYR A 376 -22.50 -8.61 28.90
C TYR A 376 -22.53 -8.95 30.39
N PRO A 377 -23.50 -9.75 30.81
CA PRO A 377 -23.64 -10.04 32.25
C PRO A 377 -22.35 -10.62 32.80
N GLY A 378 -21.84 -10.00 33.87
CA GLY A 378 -20.51 -10.21 34.38
C GLY A 378 -19.63 -8.98 34.26
N TRP A 379 -20.01 -8.03 33.41
CA TRP A 379 -19.21 -6.83 33.19
C TRP A 379 -19.13 -5.97 34.45
N ALA A 380 -20.25 -5.82 35.16
CA ALA A 380 -20.31 -4.87 36.27
C ALA A 380 -19.40 -5.28 37.43
N ASP A 381 -19.40 -6.58 37.78
CA ASP A 381 -18.60 -7.01 38.92
C ASP A 381 -17.10 -7.00 38.63
N HIS A 382 -16.72 -6.93 37.35
CA HIS A 382 -15.32 -7.00 36.97
C HIS A 382 -14.84 -5.68 36.42
N TYR A 383 -15.08 -5.43 35.13
CA TYR A 383 -14.68 -4.16 34.52
C TYR A 383 -15.35 -2.98 35.22
N GLY A 384 -16.66 -3.08 35.47
CA GLY A 384 -17.36 -2.00 36.15
C GLY A 384 -16.74 -1.60 37.47
N LYS A 385 -16.40 -2.58 38.31
CA LYS A 385 -15.73 -2.27 39.57
C LYS A 385 -14.39 -1.59 39.35
N ILE A 386 -13.65 -2.04 38.34
CA ILE A 386 -12.34 -1.47 38.05
C ILE A 386 -12.46 -0.02 37.61
N PHE A 387 -13.33 0.24 36.62
CA PHE A 387 -13.52 1.60 36.13
C PHE A 387 -13.99 2.54 37.24
N ASN A 388 -14.91 2.08 38.09
CA ASN A 388 -15.37 2.91 39.20
C ASN A 388 -14.25 3.19 40.19
N GLU A 389 -13.42 2.20 40.47
CA GLU A 389 -12.28 2.46 41.34
C GLU A 389 -11.34 3.51 40.74
N TRP A 390 -11.10 3.45 39.43
CA TRP A 390 -10.21 4.43 38.80
C TRP A 390 -10.82 5.84 38.88
N LYS A 391 -12.11 5.97 38.57
CA LYS A 391 -12.77 7.25 38.72
C LYS A 391 -12.58 7.78 40.13
N LYS A 392 -12.85 6.94 41.13
CA LYS A 392 -12.68 7.31 42.53
C LYS A 392 -11.25 7.78 42.84
N LEU A 393 -10.25 7.20 42.17
CA LEU A 393 -8.86 7.55 42.42
C LEU A 393 -8.41 8.80 41.68
N GLY A 394 -9.26 9.40 40.86
CA GLY A 394 -8.93 10.63 40.18
C GLY A 394 -8.57 10.47 38.72
N TYR A 395 -9.12 9.43 38.08
CA TYR A 395 -8.90 9.17 36.66
C TYR A 395 -9.01 10.44 35.82
N GLU A 396 -10.03 11.24 36.07
CA GLU A 396 -10.37 12.39 35.24
C GLU A 396 -9.72 13.68 35.71
N ASP A 397 -9.13 13.67 36.90
CA ASP A 397 -8.75 14.88 37.59
C ASP A 397 -7.28 15.16 37.33
N PRO A 398 -6.92 16.25 36.66
CA PRO A 398 -5.51 16.49 36.32
C PRO A 398 -4.62 16.79 37.52
N LYS A 399 -5.18 17.01 38.70
CA LYS A 399 -4.40 17.23 39.90
C LYS A 399 -4.10 15.93 40.65
N SER A 400 -4.64 14.81 40.18
CA SER A 400 -4.63 13.57 40.96
C SER A 400 -3.30 12.86 40.95
N GLY A 401 -2.47 13.07 39.92
CA GLY A 401 -1.28 12.26 39.76
C GLY A 401 -1.58 10.80 39.56
N PHE A 402 -2.75 10.47 39.01
CA PHE A 402 -3.22 9.09 38.89
C PHE A 402 -3.38 8.74 37.43
N ILE A 403 -2.69 7.68 36.99
CA ILE A 403 -2.86 7.09 35.67
C ILE A 403 -3.00 5.59 35.87
N PRO A 404 -4.08 4.96 35.39
CA PRO A 404 -4.40 3.60 35.86
C PRO A 404 -3.38 2.56 35.45
N TYR A 405 -2.54 2.81 34.46
CA TYR A 405 -1.50 1.85 34.17
C TYR A 405 -0.64 1.58 35.41
N GLN A 406 -0.40 2.61 36.22
CA GLN A 406 0.39 2.41 37.42
C GLN A 406 -0.39 1.63 38.47
N TRP A 407 -1.71 1.84 38.54
CA TRP A 407 -2.54 1.04 39.41
C TRP A 407 -2.47 -0.44 39.05
N LEU A 408 -2.47 -0.75 37.75
CA LEU A 408 -2.37 -2.12 37.29
C LEU A 408 -1.08 -2.75 37.78
N LEU A 409 0.05 -2.06 37.57
CA LEU A 409 1.33 -2.57 38.05
C LEU A 409 1.32 -2.78 39.56
N ALA A 410 0.81 -1.79 40.31
CA ALA A 410 0.83 -1.88 41.77
C ALA A 410 0.06 -3.10 42.26
N ASN A 411 -0.93 -3.55 41.50
CA ASN A 411 -1.83 -4.60 41.95
C ASN A 411 -1.59 -5.91 41.24
N GLY A 412 -0.42 -6.06 40.61
CA GLY A 412 -0.06 -7.30 39.97
C GLY A 412 -0.74 -7.56 38.65
N HIS A 413 -1.32 -6.54 38.02
CA HIS A 413 -2.03 -6.73 36.75
C HIS A 413 -1.17 -6.25 35.58
N ASP A 414 -0.06 -6.93 35.37
CA ASP A 414 0.93 -6.53 34.38
C ASP A 414 0.37 -6.59 32.97
N VAL A 415 0.84 -5.66 32.12
CA VAL A 415 0.44 -5.58 30.73
C VAL A 415 1.57 -6.12 29.86
N TYR A 416 1.24 -7.03 28.96
CA TYR A 416 2.18 -7.61 28.02
C TYR A 416 1.74 -7.32 26.58
N ILE A 417 2.69 -7.43 25.65
CA ILE A 417 2.44 -7.22 24.24
C ILE A 417 2.79 -8.50 23.50
N ASP A 418 1.82 -9.10 22.81
CA ASP A 418 2.07 -10.24 21.95
C ASP A 418 3.13 -9.88 20.90
N ARG A 419 4.24 -10.62 20.89
CA ARG A 419 5.29 -10.37 19.91
C ARG A 419 4.79 -10.47 18.47
N VAL A 420 3.69 -11.21 18.24
CA VAL A 420 3.18 -11.42 16.89
C VAL A 420 2.12 -10.38 16.54
N SER A 421 1.02 -10.35 17.30
CA SER A 421 -0.10 -9.50 16.94
C SER A 421 0.02 -8.06 17.43
N GLN A 422 0.94 -7.78 18.35
CA GLN A 422 1.07 -6.50 19.07
C GLN A 422 -0.13 -6.20 19.96
N VAL A 423 -1.06 -7.12 20.09
CA VAL A 423 -2.24 -6.83 20.92
C VAL A 423 -1.84 -6.86 22.38
N PRO A 424 -2.29 -5.91 23.20
CA PRO A 424 -1.98 -5.95 24.63
C PRO A 424 -2.69 -7.12 25.31
N PHE A 425 -2.08 -7.61 26.38
CA PHE A 425 -2.62 -8.75 27.11
C PHE A 425 -2.36 -8.57 28.60
N ILE A 426 -3.43 -8.66 29.38
CA ILE A 426 -3.39 -8.55 30.84
C ILE A 426 -3.90 -9.88 31.39
N PRO A 427 -3.05 -10.90 31.55
CA PRO A 427 -3.55 -12.23 31.93
C PRO A 427 -4.36 -12.27 33.20
N SER A 428 -4.01 -11.45 34.21
CA SER A 428 -4.71 -11.57 35.48
C SER A 428 -6.13 -11.03 35.42
N LEU A 429 -6.45 -10.18 34.44
CA LEU A 429 -7.77 -9.61 34.28
C LEU A 429 -8.51 -10.06 33.03
N ALA A 430 -7.81 -10.68 32.07
CA ALA A 430 -8.46 -11.04 30.82
C ALA A 430 -9.56 -12.07 31.07
N LYS A 431 -10.75 -11.80 30.54
CA LYS A 431 -11.79 -12.81 30.44
C LYS A 431 -11.83 -13.43 29.06
N GLY A 432 -11.06 -12.88 28.12
CA GLY A 432 -11.02 -13.42 26.78
C GLY A 432 -10.19 -14.68 26.70
N THR A 433 -10.07 -15.17 25.47
CA THR A 433 -9.19 -16.27 25.17
C THR A 433 -7.74 -15.83 25.30
N GLY A 434 -6.87 -16.77 25.64
CA GLY A 434 -5.46 -16.45 25.60
C GLY A 434 -4.72 -16.77 26.87
N SER A 435 -3.40 -16.88 26.79
CA SER A 435 -2.63 -17.23 27.98
C SER A 435 -1.18 -16.90 27.72
N LEU A 436 -0.48 -16.45 28.75
CA LEU A 436 0.87 -15.95 28.59
C LEU A 436 1.86 -17.11 28.42
N ARG A 437 2.66 -17.04 27.36
CA ARG A 437 3.85 -17.88 27.21
C ARG A 437 5.03 -16.93 27.08
N VAL A 438 6.08 -17.18 27.86
CA VAL A 438 7.28 -16.35 27.86
C VAL A 438 8.48 -17.24 27.57
N HIS A 439 9.13 -17.02 26.43
CA HIS A 439 10.27 -17.79 25.99
C HIS A 439 11.50 -16.89 25.91
N GLU A 440 12.66 -17.48 26.17
CA GLU A 440 13.92 -16.83 25.85
C GLU A 440 14.53 -17.53 24.65
N PHE A 441 14.94 -16.75 23.65
CA PHE A 441 15.58 -17.30 22.47
C PHE A 441 16.75 -16.41 22.10
N ASN A 442 17.96 -16.98 22.17
CA ASN A 442 19.16 -16.30 21.70
C ASN A 442 19.34 -14.95 22.42
N GLY A 443 19.13 -14.95 23.74
CA GLY A 443 19.33 -13.76 24.55
C GLY A 443 18.22 -12.73 24.51
N LYS A 444 17.04 -13.08 23.99
CA LYS A 444 15.92 -12.14 23.96
C LYS A 444 14.66 -12.85 24.45
N LYS A 445 13.90 -12.18 25.30
CA LYS A 445 12.66 -12.73 25.84
C LYS A 445 11.47 -12.27 25.02
N HIS A 446 10.52 -13.18 24.83
CA HIS A 446 9.35 -12.95 24.00
C HIS A 446 8.10 -13.40 24.74
N SER A 447 7.06 -12.57 24.72
CA SER A 447 5.76 -12.94 25.27
C SER A 447 4.82 -13.21 24.11
N LEU A 448 4.25 -14.41 24.08
CA LEU A 448 3.18 -14.78 23.18
C LEU A 448 1.89 -14.98 23.98
N THR A 449 0.73 -14.87 23.33
CA THR A 449 -0.51 -14.90 24.10
C THR A 449 -1.58 -15.86 23.56
N ASP A 450 -1.30 -16.67 22.54
CA ASP A 450 -2.27 -17.68 22.14
C ASP A 450 -1.60 -18.75 21.30
N ASP A 451 -2.27 -19.90 21.18
CA ASP A 451 -1.73 -21.07 20.50
C ASP A 451 -1.42 -20.80 19.04
N TRP A 452 -2.22 -19.97 18.38
CA TRP A 452 -2.08 -19.76 16.94
C TRP A 452 -0.91 -18.85 16.63
N GLY A 453 -0.83 -17.72 17.33
CA GLY A 453 0.30 -16.83 17.16
C GLY A 453 1.60 -17.42 17.65
N GLU A 454 1.57 -18.19 18.76
CA GLU A 454 2.80 -18.82 19.24
C GLU A 454 3.36 -19.77 18.18
N ARG A 455 2.47 -20.49 17.49
CA ARG A 455 2.90 -21.35 16.40
C ARG A 455 3.54 -20.51 15.29
N GLN A 456 2.91 -19.38 14.96
CA GLN A 456 3.45 -18.50 13.92
C GLN A 456 4.86 -18.03 14.29
N TRP A 457 5.05 -17.68 15.57
CA TRP A 457 6.36 -17.21 16.01
C TRP A 457 7.40 -18.34 16.04
N LEU A 458 7.03 -19.53 16.51
CA LEU A 458 8.01 -20.62 16.61
C LEU A 458 8.44 -21.12 15.24
N ILE A 459 7.51 -21.17 14.28
CA ILE A 459 7.88 -21.58 12.94
C ILE A 459 8.53 -20.45 12.16
N GLU A 460 8.11 -19.20 12.40
CA GLU A 460 8.52 -18.08 11.54
C GLU A 460 9.12 -16.94 12.35
N PRO A 461 10.14 -17.22 13.18
CA PRO A 461 10.65 -16.17 14.07
C PRO A 461 11.16 -14.92 13.36
N GLU A 462 11.70 -15.05 12.15
CA GLU A 462 12.22 -13.87 11.47
C GLU A 462 11.14 -12.99 10.86
N ARG A 463 9.89 -13.47 10.73
CA ARG A 463 8.83 -12.60 10.27
C ARG A 463 8.32 -11.68 11.39
N TYR A 464 8.63 -11.99 12.64
CA TYR A 464 7.96 -11.36 13.78
C TYR A 464 9.00 -10.82 14.75
N GLU A 465 9.61 -9.68 14.41
CA GLU A 465 10.64 -9.05 15.24
C GLU A 465 10.26 -7.63 15.68
N CYS A 466 8.98 -7.33 15.74
CA CYS A 466 8.50 -5.98 16.05
C CYS A 466 8.86 -5.56 17.48
N HIS A 467 9.54 -4.43 17.64
CA HIS A 467 9.77 -3.85 18.96
C HIS A 467 8.47 -3.35 19.56
N ASN A 468 8.25 -3.60 20.86
CA ASN A 468 7.02 -3.13 21.49
C ASN A 468 7.28 -1.87 22.34
N VAL A 469 6.19 -1.25 22.82
CA VAL A 469 6.30 0.06 23.45
C VAL A 469 7.12 0.00 24.74
N PHE A 470 7.05 -1.12 25.48
CA PHE A 470 7.87 -1.24 26.68
C PHE A 470 9.35 -1.37 26.35
N GLU A 471 9.67 -1.97 25.20
CA GLU A 471 11.07 -2.08 24.80
C GLU A 471 11.59 -0.74 24.32
N GLN A 472 10.79 -0.01 23.54
CA GLN A 472 11.23 1.31 23.07
C GLN A 472 11.35 2.31 24.20
N TYR A 473 10.39 2.31 25.13
CA TYR A 473 10.25 3.36 26.14
C TYR A 473 10.85 2.98 27.49
N GLU A 474 11.55 1.84 27.57
CA GLU A 474 11.91 1.27 28.85
C GLU A 474 12.61 2.30 29.73
N GLY A 475 12.10 2.46 30.95
CA GLY A 475 12.73 3.36 31.90
C GLY A 475 12.63 4.82 31.56
N ARG A 476 11.83 5.20 30.57
CA ARG A 476 11.60 6.61 30.26
C ARG A 476 10.30 7.06 30.93
N GLU A 477 10.23 8.36 31.20
CA GLU A 477 9.07 8.94 31.84
C GLU A 477 8.04 9.35 30.78
N LEU A 478 6.77 9.08 31.09
CA LEU A 478 5.66 9.18 30.13
C LEU A 478 5.56 10.55 29.46
N SER A 479 5.67 11.62 30.24
CA SER A 479 5.51 12.94 29.65
C SER A 479 6.62 13.25 28.64
N GLU A 480 7.83 12.73 28.88
CA GLU A 480 8.91 12.90 27.92
C GLU A 480 8.61 12.18 26.61
N VAL A 481 8.04 10.98 26.70
CA VAL A 481 7.66 10.22 25.51
C VAL A 481 6.59 10.97 24.72
N ILE A 482 5.59 11.51 25.41
CA ILE A 482 4.51 12.20 24.71
C ILE A 482 5.03 13.44 24.02
N ALA A 483 5.84 14.23 24.72
CA ALA A 483 6.36 15.47 24.15
C ALA A 483 7.20 15.19 22.91
N GLU A 484 8.11 14.21 23.03
CA GLU A 484 8.91 13.76 21.90
C GLU A 484 8.03 13.36 20.72
N GLY A 485 6.94 12.64 20.98
CA GLY A 485 6.08 12.23 19.89
C GLY A 485 5.11 13.26 19.38
N HIS A 486 5.19 14.51 19.87
CA HIS A 486 4.32 15.61 19.45
C HIS A 486 2.87 15.39 19.89
N GLY A 487 2.67 14.78 21.06
CA GLY A 487 1.34 14.42 21.51
C GLY A 487 0.62 15.55 22.21
N VAL A 488 0.85 16.78 21.76
CA VAL A 488 0.32 17.96 22.41
C VAL A 488 -0.49 18.79 21.42
N ARG A 489 -1.31 19.69 21.98
CA ARG A 489 -2.12 20.62 21.24
C ARG A 489 -1.24 21.77 20.75
N SER A 490 -1.85 22.78 20.12
CA SER A 490 -1.03 23.83 19.52
C SER A 490 -0.34 24.70 20.57
N ASP A 491 -0.80 24.67 21.82
CA ASP A 491 -0.11 25.40 22.89
C ASP A 491 1.14 24.68 23.38
N GLY A 492 1.47 23.52 22.82
CA GLY A 492 2.70 22.83 23.17
C GLY A 492 2.73 22.16 24.53
N LYS A 493 1.66 22.26 25.33
CA LYS A 493 1.70 21.68 26.67
C LYS A 493 0.48 20.82 26.98
N THR A 494 -0.68 21.19 26.45
CA THR A 494 -1.89 20.43 26.75
C THR A 494 -1.93 19.17 25.88
N LEU A 495 -2.24 18.04 26.50
CA LEU A 495 -2.27 16.77 25.80
C LEU A 495 -3.40 16.70 24.79
N ILE A 496 -3.14 16.07 23.65
CA ILE A 496 -4.24 15.70 22.75
C ILE A 496 -5.17 14.72 23.44
N ALA A 497 -4.62 13.61 23.94
CA ALA A 497 -5.40 12.64 24.69
C ALA A 497 -5.87 13.22 26.01
N GLN A 498 -7.02 12.75 26.47
CA GLN A 498 -7.58 13.18 27.75
C GLN A 498 -8.37 12.03 28.35
N PRO A 499 -8.50 11.99 29.69
CA PRO A 499 -9.32 10.95 30.33
C PRO A 499 -10.78 11.33 30.53
N HIS A 500 -11.23 12.41 29.91
CA HIS A 500 -12.62 12.84 29.95
C HIS A 500 -12.89 13.66 28.70
N THR A 501 -14.17 13.88 28.43
CA THR A 501 -14.58 14.62 27.24
C THR A 501 -15.22 15.96 27.58
N ARG A 502 -14.81 16.57 28.70
CA ARG A 502 -15.34 17.89 29.05
C ARG A 502 -14.40 18.98 28.57
N GLY A 503 -14.92 20.21 28.51
CA GLY A 503 -14.17 21.33 27.97
C GLY A 503 -13.16 21.95 28.90
N ASP A 504 -13.10 21.54 30.16
CA ASP A 504 -12.26 22.16 31.17
C ASP A 504 -11.45 21.11 31.91
N ASN A 505 -10.42 21.59 32.62
CA ASN A 505 -9.52 20.74 33.40
C ASN A 505 -8.84 19.70 32.51
N LEU A 506 -8.32 20.16 31.39
CA LEU A 506 -7.60 19.28 30.50
C LEU A 506 -6.18 19.08 31.02
N TRP A 507 -5.67 17.87 30.86
CA TRP A 507 -4.35 17.51 31.37
C TRP A 507 -3.24 18.10 30.50
N THR A 508 -2.17 18.56 31.16
CA THR A 508 -0.96 19.02 30.48
C THR A 508 0.19 18.05 30.73
N LEU A 509 1.30 18.26 30.00
CA LEU A 509 2.50 17.47 30.24
C LEU A 509 2.89 17.48 31.72
N GLU A 510 2.70 18.62 32.38
CA GLU A 510 3.06 18.75 33.79
C GLU A 510 2.17 17.88 34.68
N ASP A 511 0.88 17.77 34.35
CA ASP A 511 0.01 16.89 35.12
C ASP A 511 0.39 15.43 34.90
N ILE A 512 0.85 15.08 33.70
CA ILE A 512 1.34 13.73 33.46
C ILE A 512 2.59 13.46 34.28
N LYS A 513 3.56 14.40 34.22
CA LYS A 513 4.82 14.27 34.96
C LYS A 513 4.57 14.07 36.45
N ARG A 514 3.56 14.73 37.00
CA ARG A 514 3.22 14.57 38.41
C ARG A 514 3.01 13.10 38.76
N ALA A 515 2.44 12.33 37.81
CA ALA A 515 2.17 10.92 38.09
C ALA A 515 3.45 10.09 38.14
N GLY A 516 4.47 10.46 37.38
CA GLY A 516 5.73 9.74 37.44
C GLY A 516 5.70 8.37 36.82
N CYS A 517 4.85 8.16 35.83
CA CYS A 517 4.75 6.86 35.19
C CYS A 517 6.02 6.58 34.39
N VAL A 518 6.78 5.57 34.82
CA VAL A 518 8.02 5.17 34.16
C VAL A 518 7.87 3.74 33.65
N PHE A 519 8.22 3.53 32.38
CA PHE A 519 7.93 2.24 31.76
C PHE A 519 8.87 1.16 32.26
N PRO A 520 8.36 0.01 32.64
CA PRO A 520 9.24 -1.08 33.06
C PRO A 520 9.48 -2.02 31.90
N ASP A 521 10.30 -3.05 32.12
CA ASP A 521 10.36 -4.18 31.22
C ASP A 521 9.46 -5.28 31.79
N PRO A 522 8.29 -5.54 31.21
CA PRO A 522 7.38 -6.52 31.81
C PRO A 522 7.93 -7.93 31.87
N LEU A 523 8.96 -8.26 31.08
CA LEU A 523 9.52 -9.61 31.11
C LEU A 523 10.72 -9.73 32.04
N ALA A 524 11.17 -8.64 32.67
CA ALA A 524 12.35 -8.70 33.51
C ALA A 524 12.22 -9.77 34.60
N LYS A 525 11.00 -9.97 35.11
CA LYS A 525 10.76 -10.89 36.22
C LYS A 525 10.89 -12.36 35.81
N PHE A 526 10.79 -12.67 34.52
CA PHE A 526 10.76 -14.07 34.11
C PHE A 526 12.16 -14.64 33.87
N VAL B 9 -37.89 3.21 11.27
CA VAL B 9 -36.73 4.04 10.97
C VAL B 9 -35.80 4.11 12.18
N THR B 10 -34.50 4.04 11.92
CA THR B 10 -33.52 4.10 13.00
C THR B 10 -33.42 5.50 13.58
N LYS B 11 -33.17 5.57 14.88
CA LYS B 11 -32.97 6.87 15.53
C LYS B 11 -31.61 7.43 15.14
N ARG B 12 -31.56 8.74 14.94
CA ARG B 12 -30.33 9.41 14.53
C ARG B 12 -30.06 10.57 15.48
N GLY B 13 -28.84 10.59 16.03
CA GLY B 13 -28.48 11.63 16.98
C GLY B 13 -28.55 13.04 16.44
N LEU B 14 -28.57 13.20 15.11
CA LEU B 14 -28.69 14.55 14.53
C LEU B 14 -30.12 15.08 14.64
N THR B 15 -31.11 14.23 14.38
CA THR B 15 -32.51 14.65 14.29
C THR B 15 -33.39 14.19 15.45
N ASP B 16 -32.93 13.27 16.29
CA ASP B 16 -33.79 12.79 17.37
C ASP B 16 -33.78 13.79 18.52
N PRO B 17 -34.95 14.25 18.98
CA PRO B 17 -34.96 15.30 20.02
C PRO B 17 -34.20 14.96 21.29
N GLU B 18 -34.43 13.78 21.88
CA GLU B 18 -33.72 13.44 23.11
C GLU B 18 -32.21 13.43 22.91
N ARG B 19 -31.74 12.75 21.86
CA ARG B 19 -30.30 12.62 21.66
C ARG B 19 -29.67 13.95 21.26
N ALA B 20 -30.34 14.71 20.40
CA ALA B 20 -29.82 16.02 20.02
C ALA B 20 -29.67 16.94 21.24
N ALA B 21 -30.60 16.83 22.20
CA ALA B 21 -30.50 17.62 23.43
C ALA B 21 -29.35 17.13 24.31
N ILE B 22 -29.22 15.81 24.48
CA ILE B 22 -28.11 15.27 25.25
C ILE B 22 -26.76 15.67 24.62
N ILE B 23 -26.66 15.59 23.29
CA ILE B 23 -25.41 15.94 22.61
C ILE B 23 -25.11 17.43 22.79
N ALA B 24 -26.12 18.29 22.63
CA ALA B 24 -25.90 19.72 22.74
C ALA B 24 -25.36 20.11 24.12
N ALA B 25 -25.92 19.50 25.17
CA ALA B 25 -25.38 19.74 26.51
C ALA B 25 -23.95 19.23 26.66
N ALA B 26 -23.59 18.15 25.95
CA ALA B 26 -22.25 17.57 26.13
C ALA B 26 -21.18 18.34 25.38
N VAL B 27 -21.53 18.98 24.26
CA VAL B 27 -20.57 19.70 23.43
C VAL B 27 -20.11 20.97 24.12
N PRO B 28 -18.83 21.14 24.38
CA PRO B 28 -18.37 22.35 25.06
C PRO B 28 -18.59 23.57 24.18
N ASP B 29 -18.71 24.73 24.83
CA ASP B 29 -19.08 25.97 24.16
C ASP B 29 -17.87 26.71 23.57
N HIS B 30 -16.78 26.00 23.28
CA HIS B 30 -15.58 26.60 22.75
C HIS B 30 -14.74 25.49 22.17
N ALA B 31 -13.87 25.85 21.23
CA ALA B 31 -12.97 24.87 20.62
C ALA B 31 -11.85 24.52 21.60
N LEU B 32 -11.46 23.25 21.60
CA LEU B 32 -10.37 22.79 22.45
C LEU B 32 -9.01 22.89 21.77
N ASP B 33 -8.97 23.37 20.53
CA ASP B 33 -7.73 23.76 19.87
C ASP B 33 -8.10 24.56 18.63
N THR B 34 -7.19 25.44 18.24
CA THR B 34 -7.44 26.33 17.12
C THR B 34 -6.77 25.86 15.84
N GLN B 35 -6.06 24.74 15.87
CA GLN B 35 -5.34 24.24 14.70
C GLN B 35 -6.29 23.36 13.89
N ARG B 36 -6.90 23.94 12.85
CA ARG B 36 -7.89 23.24 12.05
C ARG B 36 -7.34 22.78 10.71
N LYS B 37 -6.07 23.03 10.43
CA LYS B 37 -5.45 22.61 9.18
C LYS B 37 -5.06 21.14 9.31
N TYR B 38 -5.75 20.28 8.60
CA TYR B 38 -5.48 18.85 8.63
C TYR B 38 -4.02 18.58 8.21
N HIS B 39 -3.27 17.92 9.09
CA HIS B 39 -1.83 17.67 8.93
C HIS B 39 -1.05 18.92 8.56
N TYR B 40 -1.30 19.97 9.34
CA TYR B 40 -0.58 21.24 9.36
C TYR B 40 0.94 21.10 9.25
N PHE B 41 1.52 20.01 9.73
CA PHE B 41 2.98 19.91 9.81
C PHE B 41 3.64 19.44 8.52
N ILE B 42 2.87 19.05 7.49
CA ILE B 42 3.44 18.74 6.19
C ILE B 42 4.13 19.99 5.65
N GLN B 43 5.38 19.82 5.23
CA GLN B 43 6.09 20.94 4.63
C GLN B 43 5.45 21.25 3.28
N PRO B 44 4.86 22.43 3.09
CA PRO B 44 4.19 22.71 1.81
C PRO B 44 5.20 22.87 0.69
N ARG B 45 4.87 22.35 -0.49
CA ARG B 45 5.73 22.55 -1.64
C ARG B 45 5.50 23.94 -2.25
N TRP B 46 4.25 24.40 -2.28
CA TRP B 46 3.86 25.68 -2.85
C TRP B 46 3.51 26.66 -1.72
N LYS B 47 2.87 27.78 -2.07
CA LYS B 47 2.71 28.86 -1.10
C LYS B 47 1.88 28.40 0.09
N ARG B 48 0.75 27.74 -0.17
CA ARG B 48 -0.11 27.20 0.87
C ARG B 48 -0.19 25.69 0.72
N LEU B 49 -0.29 25.01 1.85
CA LEU B 49 -0.54 23.57 1.84
C LEU B 49 -1.81 23.28 1.05
N SER B 50 -1.75 22.28 0.19
CA SER B 50 -2.86 21.96 -0.71
C SER B 50 -3.66 20.78 -0.17
N GLU B 51 -4.91 20.70 -0.62
CA GLU B 51 -5.75 19.56 -0.29
C GLU B 51 -5.10 18.27 -0.76
N TYR B 52 -4.46 18.32 -1.93
CA TYR B 52 -3.73 17.16 -2.44
C TYR B 52 -2.68 16.67 -1.45
N GLU B 53 -1.92 17.58 -0.85
CA GLU B 53 -0.89 17.15 0.09
C GLU B 53 -1.50 16.67 1.41
N GLN B 54 -2.52 17.38 1.89
CA GLN B 54 -3.18 16.99 3.14
C GLN B 54 -3.71 15.57 3.07
N LEU B 55 -4.45 15.26 2.00
CA LEU B 55 -5.11 13.97 1.92
C LEU B 55 -4.13 12.83 1.65
N SER B 56 -2.98 13.13 1.04
CA SER B 56 -2.06 12.09 0.57
C SER B 56 -0.83 11.89 1.45
N CYS B 57 -0.27 12.94 2.02
CA CYS B 57 1.10 12.89 2.53
C CYS B 57 1.14 12.27 3.92
N TYR B 58 2.07 11.32 4.10
CA TYR B 58 2.28 10.56 5.32
C TYR B 58 1.18 9.53 5.57
N ALA B 59 0.32 9.26 4.57
CA ALA B 59 -0.53 8.09 4.67
C ALA B 59 0.32 6.82 4.77
N GLN B 60 1.46 6.79 4.11
CA GLN B 60 2.33 5.62 4.20
C GLN B 60 3.01 5.60 5.57
N PRO B 61 2.92 4.50 6.33
CA PRO B 61 3.41 4.48 7.71
C PRO B 61 4.88 4.09 7.83
N ASN B 62 5.75 4.90 7.26
CA ASN B 62 7.15 4.50 7.22
C ASN B 62 7.81 4.80 8.57
N PRO B 63 8.73 3.94 9.01
CA PRO B 63 9.52 4.25 10.21
C PRO B 63 10.70 5.13 9.86
N ASP B 64 11.43 5.56 10.90
CA ASP B 64 12.54 6.49 10.70
C ASP B 64 13.71 5.89 9.93
N TRP B 65 13.78 4.57 9.76
CA TRP B 65 14.88 3.98 9.01
C TRP B 65 14.57 3.81 7.52
N ILE B 66 13.44 4.33 7.06
CA ILE B 66 13.18 4.60 5.65
C ILE B 66 13.08 6.12 5.53
N ALA B 67 14.01 6.72 4.79
CA ALA B 67 14.20 8.17 4.75
C ALA B 67 12.88 8.95 4.73
N GLY B 68 12.66 9.76 5.76
CA GLY B 68 11.51 10.63 5.87
C GLY B 68 10.41 10.12 6.77
N GLY B 69 10.42 8.83 7.14
CA GLY B 69 9.32 8.27 7.90
C GLY B 69 9.23 8.84 9.30
N LEU B 70 8.01 8.88 9.83
CA LEU B 70 7.76 9.46 11.14
C LEU B 70 7.57 8.42 12.24
N ASP B 71 7.44 7.16 11.88
CA ASP B 71 7.17 6.10 12.84
C ASP B 71 8.48 5.53 13.35
N TRP B 72 8.41 4.44 14.11
CA TRP B 72 9.59 3.83 14.70
C TRP B 72 9.37 2.33 14.83
N GLY B 73 10.47 1.60 14.98
CA GLY B 73 10.43 0.16 15.19
C GLY B 73 10.39 -0.62 13.89
N ASP B 74 10.51 -1.93 14.04
CA ASP B 74 10.40 -2.82 12.90
C ASP B 74 8.94 -2.98 12.50
N TRP B 75 8.70 -3.50 11.30
CA TRP B 75 7.34 -3.87 10.92
C TRP B 75 6.85 -5.01 11.80
N THR B 76 5.52 -5.14 11.91
CA THR B 76 4.93 -6.14 12.80
C THR B 76 5.04 -7.53 12.21
N GLN B 77 5.07 -7.63 10.88
CA GLN B 77 5.04 -8.90 10.16
C GLN B 77 5.75 -8.70 8.84
N LYS B 78 6.72 -9.56 8.56
CA LYS B 78 7.55 -9.46 7.38
C LYS B 78 7.39 -10.74 6.54
N PHE B 79 8.01 -10.73 5.35
CA PHE B 79 8.02 -11.93 4.51
C PHE B 79 8.80 -13.04 5.20
N HIS B 80 8.51 -14.28 4.80
CA HIS B 80 9.40 -15.39 5.12
C HIS B 80 10.80 -15.06 4.66
N GLY B 81 11.78 -15.21 5.54
CA GLY B 81 13.16 -14.86 5.28
C GLY B 81 13.57 -13.50 5.80
N GLY B 82 12.63 -12.58 5.94
CA GLY B 82 12.87 -11.31 6.60
C GLY B 82 12.70 -10.08 5.73
N ARG B 83 12.31 -10.20 4.45
CA ARG B 83 12.09 -9.03 3.61
C ARG B 83 11.08 -8.11 4.29
N PRO B 84 11.38 -6.82 4.43
CA PRO B 84 10.45 -5.92 5.13
C PRO B 84 9.26 -5.57 4.24
N SER B 85 8.17 -5.18 4.90
CA SER B 85 6.97 -4.72 4.19
C SER B 85 7.32 -3.67 3.15
N TRP B 86 8.08 -2.67 3.54
CA TRP B 86 8.75 -1.76 2.63
C TRP B 86 10.19 -1.65 3.12
N GLY B 87 11.13 -1.52 2.18
CA GLY B 87 12.52 -1.55 2.58
C GLY B 87 13.38 -0.77 1.62
N ASN B 88 14.56 -0.40 2.11
CA ASN B 88 15.54 0.32 1.30
C ASN B 88 16.13 -0.56 0.20
N GLU B 89 16.03 -1.89 0.34
CA GLU B 89 16.50 -2.83 -0.67
C GLU B 89 15.66 -2.80 -1.94
N SER B 90 14.55 -2.05 -1.95
CA SER B 90 13.65 -2.05 -3.10
C SER B 90 14.17 -1.22 -4.27
N THR B 91 15.14 -0.35 -4.08
CA THR B 91 15.61 0.50 -5.15
C THR B 91 17.06 0.89 -4.90
N GLU B 92 17.80 1.08 -6.01
CA GLU B 92 19.17 1.57 -5.90
C GLU B 92 19.24 3.03 -5.48
N LEU B 93 18.25 3.83 -5.84
CA LEU B 93 18.35 5.27 -5.56
C LEU B 93 18.18 5.54 -4.06
N ARG B 94 18.72 6.67 -3.62
CA ARG B 94 18.68 7.07 -2.23
C ARG B 94 18.27 8.53 -2.15
N THR B 95 17.60 8.89 -1.06
CA THR B 95 17.16 10.27 -0.88
C THR B 95 17.14 10.59 0.61
N THR B 96 17.05 11.88 0.93
CA THR B 96 16.90 12.27 2.32
C THR B 96 15.44 12.20 2.80
N ASP B 97 14.47 12.05 1.89
CA ASP B 97 13.05 12.01 2.27
C ASP B 97 12.25 11.46 1.10
N TRP B 98 11.80 10.21 1.19
CA TRP B 98 10.98 9.64 0.12
C TRP B 98 9.62 10.32 -0.02
N TYR B 99 9.19 11.10 0.98
CA TYR B 99 7.90 11.77 0.87
C TYR B 99 7.97 13.09 0.10
N ARG B 100 9.15 13.48 -0.39
CA ARG B 100 9.30 14.81 -0.98
C ARG B 100 8.48 15.00 -2.25
N HIS B 101 8.27 13.93 -3.02
CA HIS B 101 7.67 14.02 -4.36
C HIS B 101 6.29 14.67 -4.34
N ARG B 102 6.03 15.51 -5.35
CA ARG B 102 4.73 16.16 -5.55
C ARG B 102 4.34 16.07 -7.02
N ASP B 103 3.18 15.50 -7.28
CA ASP B 103 2.57 15.59 -8.61
C ASP B 103 2.22 17.03 -8.92
N PRO B 104 2.83 17.67 -9.93
CA PRO B 104 2.46 19.08 -10.22
C PRO B 104 1.00 19.26 -10.57
N ALA B 105 0.33 18.22 -11.06
CA ALA B 105 -1.11 18.25 -11.28
C ALA B 105 -1.92 18.06 -10.00
N ARG B 106 -1.29 17.69 -8.88
CA ARG B 106 -1.94 17.64 -7.56
C ARG B 106 -3.11 16.66 -7.53
N ARG B 107 -2.92 15.49 -8.14
CA ARG B 107 -4.01 14.53 -8.32
C ARG B 107 -4.08 13.59 -7.13
N TRP B 108 -5.09 13.77 -6.28
CA TRP B 108 -5.55 12.67 -5.46
C TRP B 108 -6.67 11.97 -6.22
N HIS B 109 -7.31 10.99 -5.59
CA HIS B 109 -8.23 10.13 -6.33
C HIS B 109 -9.34 10.94 -6.98
N HIS B 110 -9.91 11.92 -6.26
CA HIS B 110 -11.14 12.54 -6.75
C HIS B 110 -10.92 13.32 -8.04
N PRO B 111 -9.98 14.28 -8.13
CA PRO B 111 -9.78 14.97 -9.40
C PRO B 111 -9.38 14.02 -10.52
N TYR B 112 -8.65 12.95 -10.19
CA TYR B 112 -8.22 12.02 -11.21
C TYR B 112 -9.40 11.32 -11.87
N VAL B 113 -10.30 10.75 -11.08
CA VAL B 113 -11.45 10.12 -11.73
C VAL B 113 -12.43 11.15 -12.27
N LYS B 114 -12.44 12.38 -11.74
CA LYS B 114 -13.34 13.40 -12.26
C LYS B 114 -12.98 13.74 -13.69
N ASP B 115 -11.68 13.93 -13.96
CA ASP B 115 -11.23 14.26 -15.31
C ASP B 115 -11.43 13.09 -16.28
N LYS B 116 -11.02 11.89 -15.91
CA LYS B 116 -11.19 10.76 -16.83
C LYS B 116 -12.66 10.44 -17.06
N SER B 117 -13.53 10.76 -16.09
CA SER B 117 -14.97 10.58 -16.30
C SER B 117 -15.49 11.53 -17.38
N GLU B 118 -14.95 12.75 -17.42
CA GLU B 118 -15.33 13.68 -18.47
C GLU B 118 -14.97 13.12 -19.83
N GLU B 119 -13.74 12.62 -19.95
CA GLU B 119 -13.29 11.97 -21.18
C GLU B 119 -14.12 10.74 -21.48
N ALA B 120 -14.50 9.97 -20.46
CA ALA B 120 -15.28 8.76 -20.66
C ALA B 120 -16.62 9.08 -21.32
N ARG B 121 -17.34 10.04 -20.76
CA ARG B 121 -18.69 10.32 -21.25
C ARG B 121 -18.64 11.09 -22.55
N TYR B 122 -17.74 12.07 -22.66
CA TYR B 122 -17.64 12.84 -23.89
C TYR B 122 -17.26 11.94 -25.07
N THR B 123 -16.38 10.96 -24.85
CA THR B 123 -16.00 10.04 -25.91
C THR B 123 -17.21 9.35 -26.55
N GLN B 124 -18.15 8.87 -25.73
CA GLN B 124 -19.28 8.14 -26.29
C GLN B 124 -20.24 9.07 -27.02
N ARG B 125 -20.43 10.28 -26.53
CA ARG B 125 -21.21 11.25 -27.30
C ARG B 125 -20.52 11.56 -28.63
N PHE B 126 -19.20 11.75 -28.59
CA PHE B 126 -18.45 11.95 -29.83
C PHE B 126 -18.69 10.82 -30.82
N LEU B 127 -18.57 9.57 -30.36
CA LEU B 127 -18.69 8.44 -31.28
C LEU B 127 -20.08 8.32 -31.88
N ALA B 128 -21.13 8.43 -31.04
CA ALA B 128 -22.50 8.43 -31.54
C ALA B 128 -22.70 9.47 -32.61
N ALA B 129 -22.03 10.63 -32.49
CA ALA B 129 -22.19 11.69 -33.46
C ALA B 129 -21.34 11.44 -34.70
N TYR B 130 -20.12 10.93 -34.51
CA TYR B 130 -19.24 10.66 -35.64
C TYR B 130 -19.84 9.61 -36.56
N SER B 131 -20.39 8.54 -35.99
CA SER B 131 -21.10 7.57 -36.80
C SER B 131 -22.31 8.20 -37.48
N SER B 132 -23.07 9.05 -36.76
CA SER B 132 -24.19 9.74 -37.42
C SER B 132 -23.70 10.59 -38.59
N GLU B 133 -22.52 11.22 -38.43
CA GLU B 133 -22.02 12.14 -39.44
C GLU B 133 -21.64 11.45 -40.74
N GLY B 134 -21.18 10.20 -40.66
CA GLY B 134 -20.62 9.52 -41.81
C GLY B 134 -19.21 9.93 -42.16
N SER B 135 -18.49 10.55 -41.22
CA SER B 135 -17.18 11.14 -41.52
C SER B 135 -16.12 10.10 -41.87
N ILE B 136 -16.36 8.82 -41.59
CA ILE B 136 -15.41 7.78 -41.94
C ILE B 136 -15.29 7.63 -43.44
N ARG B 137 -16.27 8.12 -44.20
CA ARG B 137 -16.29 7.91 -45.63
C ARG B 137 -15.06 8.46 -46.35
N THR B 138 -14.34 9.42 -45.77
CA THR B 138 -13.23 10.04 -46.50
C THR B 138 -11.86 9.48 -46.12
N ILE B 139 -11.80 8.51 -45.21
CA ILE B 139 -10.51 7.98 -44.80
C ILE B 139 -9.85 7.26 -45.97
N ASP B 140 -8.53 7.34 -46.05
CA ASP B 140 -7.82 6.56 -47.04
C ASP B 140 -8.04 5.09 -46.72
N PRO B 141 -8.62 4.31 -47.62
CA PRO B 141 -8.89 2.89 -47.30
C PRO B 141 -7.64 2.09 -46.99
N TYR B 142 -6.53 2.35 -47.70
CA TYR B 142 -5.29 1.61 -47.44
C TYR B 142 -4.76 1.92 -46.04
N TRP B 143 -4.73 3.20 -45.67
CA TRP B 143 -4.38 3.59 -44.32
C TRP B 143 -5.25 2.88 -43.30
N ARG B 144 -6.57 2.97 -43.50
CA ARG B 144 -7.53 2.41 -42.55
C ARG B 144 -7.28 0.92 -42.34
N ASP B 145 -7.12 0.17 -43.43
CA ASP B 145 -7.10 -1.28 -43.33
C ASP B 145 -5.70 -1.88 -43.19
N GLU B 146 -4.68 -1.29 -43.81
CA GLU B 146 -3.36 -1.91 -43.83
C GLU B 146 -2.39 -1.34 -42.81
N ILE B 147 -2.52 -0.06 -42.46
CA ILE B 147 -1.61 0.57 -41.53
C ILE B 147 -2.28 0.80 -40.17
N LEU B 148 -3.43 1.47 -40.16
CA LEU B 148 -4.09 1.84 -38.92
C LEU B 148 -4.61 0.62 -38.17
N ASN B 149 -5.45 -0.19 -38.82
CA ASN B 149 -6.05 -1.33 -38.14
C ASN B 149 -4.98 -2.28 -37.61
N LYS B 150 -3.93 -2.52 -38.39
CA LYS B 150 -2.95 -3.54 -38.06
C LYS B 150 -1.88 -3.03 -37.11
N TYR B 151 -1.25 -1.90 -37.43
CA TYR B 151 -0.09 -1.45 -36.68
C TYR B 151 -0.42 -0.53 -35.53
N PHE B 152 -1.44 0.33 -35.67
CA PHE B 152 -1.94 1.01 -34.48
C PHE B 152 -2.51 -0.02 -33.52
N GLY B 153 -3.25 -1.00 -34.04
CA GLY B 153 -3.72 -2.08 -33.21
C GLY B 153 -2.60 -2.77 -32.46
N ALA B 154 -1.54 -3.14 -33.18
CA ALA B 154 -0.41 -3.80 -32.54
C ALA B 154 0.22 -2.91 -31.48
N LEU B 155 0.10 -1.58 -31.61
CA LEU B 155 0.70 -0.68 -30.64
C LEU B 155 0.03 -0.76 -29.26
N LEU B 156 -1.23 -1.21 -29.17
CA LEU B 156 -1.84 -1.37 -27.86
C LEU B 156 -1.01 -2.29 -26.98
N TYR B 157 -0.24 -3.21 -27.57
CA TYR B 157 0.52 -4.14 -26.75
C TYR B 157 1.72 -3.46 -26.10
N SER B 158 2.26 -2.41 -26.73
CA SER B 158 3.23 -1.57 -26.05
C SER B 158 2.62 -0.86 -24.84
N GLU B 159 1.47 -0.22 -25.04
CA GLU B 159 0.79 0.44 -23.93
C GLU B 159 0.45 -0.55 -22.82
N TYR B 160 -0.05 -1.72 -23.21
CA TYR B 160 -0.41 -2.74 -22.24
C TYR B 160 0.81 -3.23 -21.46
N GLY B 161 1.91 -3.49 -22.16
CA GLY B 161 3.11 -3.93 -21.45
C GLY B 161 3.64 -2.88 -20.50
N LEU B 162 3.59 -1.61 -20.92
CA LEU B 162 3.98 -0.50 -20.04
C LEU B 162 3.06 -0.41 -18.83
N PHE B 163 1.76 -0.66 -19.03
CA PHE B 163 0.84 -0.70 -17.91
C PHE B 163 1.29 -1.73 -16.86
N ASN B 164 1.58 -2.95 -17.31
CA ASN B 164 1.86 -4.03 -16.36
C ASN B 164 3.21 -3.88 -15.66
N ALA B 165 4.16 -3.14 -16.25
CA ALA B 165 5.41 -2.86 -15.57
C ALA B 165 5.18 -2.18 -14.23
N HIS B 166 4.03 -1.55 -14.04
CA HIS B 166 3.71 -0.84 -12.81
C HIS B 166 3.26 -1.72 -11.66
N SER B 167 2.97 -3.01 -11.88
CA SER B 167 2.44 -3.84 -10.80
C SER B 167 3.42 -3.96 -9.64
N SER B 168 4.70 -4.21 -9.94
CA SER B 168 5.64 -4.31 -8.83
C SER B 168 5.94 -2.93 -8.26
N VAL B 169 5.87 -1.87 -9.09
CA VAL B 169 6.04 -0.52 -8.60
C VAL B 169 4.97 -0.18 -7.55
N GLY B 170 3.70 -0.48 -7.86
CA GLY B 170 2.64 -0.19 -6.91
C GLY B 170 2.82 -0.89 -5.58
N ARG B 171 3.40 -2.09 -5.60
CA ARG B 171 3.69 -2.81 -4.37
C ARG B 171 4.91 -2.25 -3.64
N ASP B 172 5.98 -1.99 -4.38
CA ASP B 172 7.30 -1.79 -3.77
C ASP B 172 7.58 -0.34 -3.36
N CYS B 173 6.99 0.66 -4.01
CA CYS B 173 7.51 2.02 -3.88
C CYS B 173 7.27 2.57 -2.48
N LEU B 174 8.04 3.61 -2.14
CA LEU B 174 8.33 3.95 -0.76
C LEU B 174 7.56 5.17 -0.25
N SER B 175 6.70 5.79 -1.03
CA SER B 175 5.92 6.86 -0.45
C SER B 175 4.57 6.95 -1.12
N ASP B 176 3.70 7.72 -0.48
CA ASP B 176 2.30 7.80 -0.86
C ASP B 176 2.12 8.58 -2.16
N THR B 177 2.71 9.78 -2.25
CA THR B 177 2.56 10.57 -3.48
C THR B 177 3.16 9.84 -4.67
N ILE B 178 4.30 9.19 -4.47
CA ILE B 178 4.89 8.37 -5.53
C ILE B 178 3.95 7.26 -5.93
N ARG B 179 3.37 6.57 -4.93
CA ARG B 179 2.43 5.50 -5.22
C ARG B 179 1.25 6.00 -6.04
N GLN B 180 0.75 7.20 -5.74
CA GLN B 180 -0.36 7.76 -6.50
C GLN B 180 0.05 8.06 -7.94
N THR B 181 1.23 8.65 -8.13
CA THR B 181 1.73 8.93 -9.47
C THR B 181 1.84 7.65 -10.31
N ALA B 182 2.40 6.59 -9.72
CA ALA B 182 2.61 5.35 -10.46
C ALA B 182 1.29 4.67 -10.82
N VAL B 183 0.33 4.64 -9.90
CA VAL B 183 -0.93 3.96 -10.15
C VAL B 183 -1.74 4.70 -11.22
N PHE B 184 -1.77 6.03 -11.15
CA PHE B 184 -2.47 6.80 -12.18
C PHE B 184 -1.77 6.67 -13.52
N ALA B 185 -0.43 6.68 -13.51
CA ALA B 185 0.30 6.44 -14.75
C ALA B 185 -0.04 5.07 -15.32
N ALA B 186 -0.20 4.06 -14.46
CA ALA B 186 -0.55 2.71 -14.92
C ALA B 186 -1.95 2.69 -15.52
N LEU B 187 -2.94 3.28 -14.84
CA LEU B 187 -4.29 3.27 -15.39
C LEU B 187 -4.34 4.01 -16.72
N ASP B 188 -3.61 5.12 -16.84
CA ASP B 188 -3.60 5.84 -18.10
C ASP B 188 -3.03 5.01 -19.24
N LYS B 189 -2.08 4.12 -18.93
CA LYS B 189 -1.48 3.28 -19.96
C LYS B 189 -2.43 2.18 -20.41
N VAL B 190 -3.11 1.52 -19.48
CA VAL B 190 -4.06 0.50 -19.92
C VAL B 190 -5.24 1.16 -20.59
N ASP B 191 -5.57 2.40 -20.19
CA ASP B 191 -6.56 3.19 -20.90
C ASP B 191 -6.16 3.38 -22.38
N ASN B 192 -4.90 3.77 -22.63
CA ASN B 192 -4.43 3.90 -24.00
C ASN B 192 -4.67 2.63 -24.80
N ALA B 193 -4.36 1.48 -24.20
CA ALA B 193 -4.52 0.21 -24.91
C ALA B 193 -5.99 -0.07 -25.16
N GLN B 194 -6.84 0.20 -24.17
CA GLN B 194 -8.28 -0.03 -24.32
C GLN B 194 -8.90 0.95 -25.32
N MET B 195 -8.38 2.18 -25.39
CA MET B 195 -8.90 3.14 -26.36
C MET B 195 -8.52 2.75 -27.78
N ILE B 196 -7.32 2.21 -27.97
CA ILE B 196 -6.95 1.75 -29.31
C ILE B 196 -7.91 0.67 -29.76
N GLN B 197 -8.28 -0.24 -28.86
CA GLN B 197 -9.22 -1.29 -29.22
C GLN B 197 -10.63 -0.73 -29.39
N MET B 198 -11.00 0.25 -28.57
CA MET B 198 -12.30 0.88 -28.76
C MET B 198 -12.41 1.49 -30.16
N GLU B 199 -11.35 2.15 -30.63
CA GLU B 199 -11.38 2.73 -31.98
C GLU B 199 -11.59 1.65 -33.03
N ARG B 200 -10.87 0.54 -32.92
CA ARG B 200 -11.00 -0.52 -33.92
C ARG B 200 -12.39 -1.14 -33.88
N LEU B 201 -12.92 -1.39 -32.68
CA LEU B 201 -14.29 -1.89 -32.56
C LEU B 201 -15.29 -0.91 -33.17
N PHE B 202 -15.05 0.39 -33.01
CA PHE B 202 -15.94 1.41 -33.54
C PHE B 202 -15.94 1.38 -35.08
N ILE B 203 -14.76 1.35 -35.68
CA ILE B 203 -14.67 1.33 -37.15
C ILE B 203 -15.35 0.09 -37.71
N ALA B 204 -15.16 -1.05 -37.05
CA ALA B 204 -15.79 -2.29 -37.49
C ALA B 204 -17.30 -2.15 -37.59
N LYS B 205 -17.91 -1.23 -36.85
CA LYS B 205 -19.34 -0.97 -36.97
C LYS B 205 -19.68 -0.12 -38.19
N LEU B 206 -18.72 0.67 -38.70
CA LEU B 206 -18.97 1.54 -39.84
C LEU B 206 -18.45 0.98 -41.15
N VAL B 207 -17.50 0.05 -41.11
CA VAL B 207 -16.88 -0.46 -42.34
C VAL B 207 -17.08 -1.96 -42.41
N PRO B 208 -17.92 -2.45 -43.33
CA PRO B 208 -18.13 -3.90 -43.43
C PRO B 208 -16.88 -4.62 -43.90
N GLY B 209 -16.60 -5.76 -43.25
CA GLY B 209 -15.40 -6.52 -43.53
C GLY B 209 -14.18 -6.05 -42.76
N PHE B 210 -14.28 -4.95 -42.03
CA PHE B 210 -13.19 -4.49 -41.20
C PHE B 210 -13.14 -5.35 -39.93
N ASP B 211 -12.01 -6.01 -39.71
CA ASP B 211 -11.86 -7.00 -38.65
C ASP B 211 -11.23 -6.33 -37.44
N ALA B 212 -11.98 -6.25 -36.34
CA ALA B 212 -11.48 -5.60 -35.13
C ALA B 212 -10.90 -6.60 -34.14
N SER B 213 -10.88 -7.89 -34.47
CA SER B 213 -10.22 -8.86 -33.62
C SER B 213 -8.78 -8.44 -33.36
N THR B 214 -8.24 -8.84 -32.22
CA THR B 214 -6.85 -8.53 -31.93
C THR B 214 -5.88 -9.54 -32.52
N ASP B 215 -6.38 -10.55 -33.24
CA ASP B 215 -5.52 -11.62 -33.74
C ASP B 215 -4.35 -11.07 -34.54
N VAL B 216 -4.65 -10.34 -35.61
CA VAL B 216 -3.63 -9.83 -36.51
C VAL B 216 -2.75 -8.83 -35.78
N PRO B 217 -3.30 -7.85 -35.03
CA PRO B 217 -2.43 -6.96 -34.25
C PRO B 217 -1.49 -7.69 -33.31
N LYS B 218 -1.95 -8.74 -32.62
CA LYS B 218 -1.07 -9.49 -31.73
C LYS B 218 0.00 -10.25 -32.51
N LYS B 219 -0.39 -10.89 -33.62
CA LYS B 219 0.58 -11.49 -34.54
C LYS B 219 1.65 -10.48 -34.93
N ILE B 220 1.25 -9.24 -35.23
CA ILE B 220 2.23 -8.23 -35.59
C ILE B 220 3.10 -7.88 -34.41
N TRP B 221 2.50 -7.63 -33.24
CA TRP B 221 3.29 -7.27 -32.07
C TRP B 221 4.29 -8.36 -31.71
N THR B 222 3.87 -9.63 -31.77
CA THR B 222 4.70 -10.72 -31.29
C THR B 222 5.69 -11.24 -32.33
N THR B 223 5.51 -10.97 -33.63
CA THR B 223 6.39 -11.55 -34.65
C THR B 223 6.88 -10.58 -35.72
N ASP B 224 6.24 -9.44 -35.95
CA ASP B 224 6.64 -8.58 -37.07
C ASP B 224 7.91 -7.82 -36.73
N PRO B 225 8.92 -7.82 -37.62
CA PRO B 225 10.18 -7.09 -37.33
C PRO B 225 9.99 -5.64 -36.90
N ILE B 226 8.95 -4.96 -37.40
CA ILE B 226 8.71 -3.55 -37.07
C ILE B 226 8.58 -3.35 -35.56
N TYR B 227 8.12 -4.37 -34.84
CA TYR B 227 7.89 -4.21 -33.41
C TYR B 227 8.79 -5.06 -32.52
N SER B 228 9.72 -5.83 -33.08
CA SER B 228 10.50 -6.74 -32.23
C SER B 228 11.40 -5.96 -31.27
N GLY B 229 11.96 -4.84 -31.72
CA GLY B 229 12.75 -4.02 -30.80
C GLY B 229 11.92 -3.45 -29.67
N ALA B 230 10.77 -2.88 -30.00
CA ALA B 230 9.91 -2.35 -28.95
C ALA B 230 9.46 -3.44 -28.00
N ARG B 231 9.10 -4.61 -28.53
CA ARG B 231 8.62 -5.66 -27.66
C ARG B 231 9.71 -6.12 -26.71
N ALA B 232 10.95 -6.23 -27.21
CA ALA B 232 12.05 -6.65 -26.35
C ALA B 232 12.27 -5.65 -25.22
N THR B 233 12.20 -4.36 -25.53
CA THR B 233 12.34 -3.34 -24.50
C THR B 233 11.22 -3.42 -23.47
N VAL B 234 9.98 -3.48 -23.95
CA VAL B 234 8.83 -3.54 -23.04
C VAL B 234 8.92 -4.77 -22.16
N GLN B 235 9.28 -5.92 -22.72
CA GLN B 235 9.41 -7.13 -21.92
C GLN B 235 10.48 -6.96 -20.84
N GLU B 236 11.57 -6.27 -21.15
CA GLU B 236 12.61 -6.08 -20.15
C GLU B 236 12.18 -5.09 -19.06
N ILE B 237 11.61 -3.95 -19.46
CA ILE B 237 11.20 -2.97 -18.46
C ILE B 237 10.15 -3.56 -17.53
N TRP B 238 9.30 -4.45 -18.05
CA TRP B 238 8.21 -5.00 -17.24
C TRP B 238 8.67 -6.18 -16.38
N GLN B 239 9.22 -7.22 -16.99
CA GLN B 239 9.51 -8.45 -16.27
C GLN B 239 10.99 -8.71 -16.03
N GLY B 240 11.86 -7.82 -16.50
CA GLY B 240 13.28 -8.07 -16.37
C GLY B 240 13.89 -7.45 -15.12
N VAL B 241 13.23 -6.45 -14.54
CA VAL B 241 13.77 -5.74 -13.39
C VAL B 241 12.70 -5.59 -12.32
N GLN B 242 13.15 -5.25 -11.11
CA GLN B 242 12.20 -4.91 -10.06
C GLN B 242 12.51 -3.61 -9.35
N ASP B 243 13.69 -3.03 -9.52
CA ASP B 243 13.97 -1.69 -9.00
C ASP B 243 12.86 -0.74 -9.47
N TRP B 244 12.00 -0.29 -8.56
CA TRP B 244 10.82 0.44 -8.99
C TRP B 244 11.15 1.83 -9.56
N ASN B 245 12.29 2.41 -9.18
CA ASN B 245 12.70 3.65 -9.83
C ASN B 245 13.20 3.37 -11.24
N GLU B 246 13.97 2.29 -11.41
CA GLU B 246 14.38 1.87 -12.74
C GLU B 246 13.17 1.68 -13.65
N ILE B 247 12.12 1.01 -13.15
CA ILE B 247 10.94 0.78 -13.99
C ILE B 247 10.31 2.10 -14.40
N LEU B 248 10.11 3.00 -13.45
CA LEU B 248 9.48 4.28 -13.76
C LEU B 248 10.33 5.07 -14.77
N TRP B 249 11.63 5.16 -14.52
CA TRP B 249 12.51 5.93 -15.38
C TRP B 249 12.58 5.31 -16.77
N ALA B 250 12.93 4.03 -16.84
CA ALA B 250 13.04 3.37 -18.15
C ALA B 250 11.71 3.42 -18.90
N GLY B 251 10.61 3.22 -18.18
CA GLY B 251 9.30 3.20 -18.78
C GLY B 251 8.86 4.54 -19.33
N HIS B 252 8.83 5.56 -18.49
CA HIS B 252 8.22 6.80 -18.93
C HIS B 252 9.23 7.80 -19.48
N ALA B 253 10.43 7.86 -18.92
CA ALA B 253 11.38 8.90 -19.29
C ALA B 253 12.26 8.54 -20.47
N VAL B 254 12.43 7.25 -20.77
CA VAL B 254 13.28 6.88 -21.89
C VAL B 254 12.43 6.24 -22.98
N TYR B 255 11.92 5.02 -22.72
CA TYR B 255 11.21 4.29 -23.77
C TYR B 255 9.95 5.02 -24.23
N ASP B 256 9.06 5.38 -23.31
CA ASP B 256 7.80 5.96 -23.76
C ASP B 256 7.99 7.37 -24.29
N ALA B 257 9.02 8.09 -23.84
CA ALA B 257 9.25 9.45 -24.30
C ALA B 257 9.97 9.51 -25.64
N THR B 258 10.53 8.40 -26.10
CA THR B 258 11.17 8.34 -27.41
C THR B 258 10.36 7.46 -28.37
N PHE B 259 10.40 6.14 -28.17
CA PHE B 259 9.63 5.26 -29.05
C PHE B 259 8.14 5.57 -28.99
N GLY B 260 7.57 5.56 -27.78
CA GLY B 260 6.13 5.69 -27.66
C GLY B 260 5.62 7.02 -28.17
N GLN B 261 6.37 8.08 -27.92
CA GLN B 261 6.01 9.39 -28.49
C GLN B 261 6.11 9.37 -30.01
N PHE B 262 7.16 8.77 -30.57
CA PHE B 262 7.28 8.73 -32.02
C PHE B 262 6.14 7.92 -32.63
N ALA B 263 5.86 6.74 -32.07
CA ALA B 263 4.80 5.91 -32.62
C ALA B 263 3.46 6.61 -32.53
N ARG B 264 3.11 7.08 -31.33
CA ARG B 264 1.79 7.69 -31.13
C ARG B 264 1.70 9.02 -31.87
N ARG B 265 2.63 9.93 -31.62
CA ARG B 265 2.47 11.29 -32.10
C ARG B 265 3.00 11.49 -33.51
N GLU B 266 4.23 11.04 -33.78
CA GLU B 266 4.82 11.30 -35.08
C GLU B 266 4.29 10.37 -36.15
N PHE B 267 3.92 9.14 -35.81
CA PHE B 267 3.39 8.23 -36.83
C PHE B 267 1.87 8.28 -36.90
N PHE B 268 1.19 7.74 -35.89
CA PHE B 268 -0.24 7.52 -36.08
C PHE B 268 -1.05 8.80 -36.01
N GLN B 269 -0.73 9.70 -35.08
CA GLN B 269 -1.48 10.95 -35.02
C GLN B 269 -1.13 11.84 -36.20
N ARG B 270 0.16 12.03 -36.48
CA ARG B 270 0.56 12.93 -37.56
C ARG B 270 0.07 12.43 -38.91
N LEU B 271 0.30 11.15 -39.20
CA LEU B 271 0.01 10.65 -40.54
C LEU B 271 -1.48 10.48 -40.75
N ALA B 272 -2.24 10.32 -39.68
CA ALA B 272 -3.70 10.37 -39.80
C ALA B 272 -4.15 11.68 -40.45
N THR B 273 -3.46 12.78 -40.16
CA THR B 273 -3.79 14.09 -40.72
C THR B 273 -3.11 14.32 -42.07
N VAL B 274 -2.53 13.27 -42.61
CA VAL B 274 -2.03 13.28 -43.97
C VAL B 274 -2.85 12.34 -44.86
N TYR B 275 -3.52 11.34 -44.29
CA TYR B 275 -4.28 10.37 -45.06
C TYR B 275 -5.80 10.50 -44.86
N GLY B 276 -6.28 11.64 -44.40
CA GLY B 276 -7.73 11.86 -44.37
C GLY B 276 -8.45 11.21 -43.22
N ASP B 277 -7.78 10.97 -42.10
CA ASP B 277 -8.33 10.22 -40.97
C ASP B 277 -8.78 11.20 -39.91
N THR B 278 -10.09 11.43 -39.85
CA THR B 278 -10.69 12.40 -38.92
C THR B 278 -11.03 11.78 -37.57
N LEU B 279 -10.68 10.50 -37.37
CA LEU B 279 -11.10 9.75 -36.19
C LEU B 279 -9.95 9.53 -35.21
N THR B 280 -8.85 8.96 -35.69
CA THR B 280 -7.70 8.68 -34.84
C THR B 280 -7.18 9.87 -34.04
N PRO B 281 -7.16 11.11 -34.57
CA PRO B 281 -6.76 12.24 -33.71
C PRO B 281 -7.60 12.41 -32.47
N PHE B 282 -8.87 12.00 -32.49
CA PHE B 282 -9.65 12.07 -31.26
C PHE B 282 -9.05 11.16 -30.19
N PHE B 283 -8.56 9.98 -30.59
CA PHE B 283 -8.01 9.04 -29.63
C PHE B 283 -6.59 9.37 -29.23
N THR B 284 -5.74 9.76 -30.17
CA THR B 284 -4.39 10.12 -29.78
C THR B 284 -4.36 11.42 -28.98
N ALA B 285 -5.36 12.30 -29.16
CA ALA B 285 -5.48 13.46 -28.29
C ALA B 285 -5.46 13.04 -26.82
N GLN B 286 -6.13 11.94 -26.49
CA GLN B 286 -6.20 11.49 -25.10
C GLN B 286 -4.89 10.87 -24.63
N SER B 287 -4.28 10.02 -25.47
CA SER B 287 -3.03 9.38 -25.04
C SER B 287 -1.93 10.40 -24.86
N GLN B 288 -1.91 11.44 -25.70
CA GLN B 288 -0.88 12.46 -25.59
C GLN B 288 -1.15 13.42 -24.44
N THR B 289 -2.42 13.70 -24.14
CA THR B 289 -2.74 14.41 -22.91
C THR B 289 -2.27 13.63 -21.69
N TYR B 290 -2.52 12.32 -21.66
CA TYR B 290 -2.07 11.52 -20.53
C TYR B 290 -0.55 11.49 -20.46
N PHE B 291 0.14 11.49 -21.62
CA PHE B 291 1.59 11.48 -21.62
C PHE B 291 2.16 12.72 -20.92
N GLN B 292 1.58 13.88 -21.19
CA GLN B 292 2.16 15.10 -20.62
C GLN B 292 1.84 15.22 -19.13
N THR B 293 0.67 14.73 -18.72
CA THR B 293 0.35 14.72 -17.29
C THR B 293 1.29 13.80 -16.55
N THR B 294 1.53 12.61 -17.13
CA THR B 294 2.44 11.66 -16.53
C THR B 294 3.85 12.21 -16.49
N ARG B 295 4.24 12.98 -17.51
CA ARG B 295 5.61 13.47 -17.60
C ARG B 295 5.90 14.48 -16.50
N GLY B 296 4.95 15.37 -16.24
CA GLY B 296 5.12 16.30 -15.13
C GLY B 296 5.44 15.61 -13.82
N ALA B 297 4.78 14.50 -13.54
CA ALA B 297 5.00 13.83 -12.26
C ALA B 297 6.28 13.02 -12.27
N ILE B 298 6.58 12.33 -13.38
CA ILE B 298 7.84 11.62 -13.51
C ILE B 298 8.99 12.58 -13.37
N ASP B 299 8.90 13.74 -14.05
CA ASP B 299 9.92 14.77 -13.98
C ASP B 299 10.19 15.20 -12.54
N ASP B 300 9.13 15.46 -11.77
CA ASP B 300 9.35 15.89 -10.38
C ASP B 300 10.06 14.82 -9.57
N LEU B 301 9.65 13.57 -9.73
CA LEU B 301 10.29 12.50 -8.97
C LEU B 301 11.78 12.40 -9.29
N PHE B 302 12.11 12.36 -10.57
CA PHE B 302 13.47 11.99 -10.93
C PHE B 302 14.38 13.19 -11.02
N VAL B 303 13.86 14.36 -11.38
CA VAL B 303 14.68 15.55 -11.49
C VAL B 303 14.70 16.27 -10.15
N TYR B 304 13.55 16.83 -9.77
CA TYR B 304 13.48 17.64 -8.56
C TYR B 304 13.87 16.86 -7.32
N CYS B 305 13.38 15.62 -7.16
CA CYS B 305 13.61 14.91 -5.92
C CYS B 305 14.90 14.11 -5.89
N LEU B 306 15.26 13.43 -6.98
CA LEU B 306 16.33 12.43 -6.92
C LEU B 306 17.64 12.89 -7.54
N ALA B 307 17.61 13.35 -8.80
CA ALA B 307 18.82 13.87 -9.44
C ALA B 307 19.38 15.08 -8.70
N ASN B 308 18.53 15.85 -8.01
CA ASN B 308 18.95 17.03 -7.27
C ASN B 308 18.84 16.86 -5.76
N ASP B 309 18.79 15.63 -5.26
CA ASP B 309 18.83 15.40 -3.82
C ASP B 309 20.10 16.03 -3.24
N SER B 310 19.94 16.72 -2.11
CA SER B 310 21.04 17.50 -1.54
C SER B 310 22.22 16.63 -1.13
N GLU B 311 21.97 15.37 -0.78
CA GLU B 311 23.02 14.48 -0.33
C GLU B 311 23.33 13.36 -1.32
N PHE B 312 22.34 12.92 -2.11
CA PHE B 312 22.52 11.77 -2.97
C PHE B 312 22.35 12.07 -4.46
N GLY B 313 22.36 13.35 -4.85
CA GLY B 313 22.11 13.70 -6.23
C GLY B 313 23.10 13.08 -7.19
N ALA B 314 24.41 13.24 -6.91
CA ALA B 314 25.43 12.65 -7.76
C ALA B 314 25.31 11.13 -7.79
N HIS B 315 25.17 10.52 -6.62
CA HIS B 315 24.85 9.10 -6.50
C HIS B 315 23.72 8.69 -7.44
N ASN B 316 22.55 9.35 -7.33
CA ASN B 316 21.40 8.94 -8.12
C ASN B 316 21.61 9.19 -9.60
N ARG B 317 22.33 10.26 -9.96
CA ARG B 317 22.57 10.52 -11.38
C ARG B 317 23.51 9.49 -11.98
N THR B 318 24.40 8.90 -11.17
CA THR B 318 25.20 7.78 -11.65
C THR B 318 24.31 6.66 -12.15
N PHE B 319 23.35 6.24 -11.33
CA PHE B 319 22.44 5.17 -11.74
C PHE B 319 21.51 5.62 -12.87
N LEU B 320 21.01 6.86 -12.82
CA LEU B 320 20.09 7.30 -13.85
C LEU B 320 20.79 7.38 -15.20
N ASN B 321 22.04 7.85 -15.21
CA ASN B 321 22.79 7.88 -16.46
C ASN B 321 23.06 6.48 -16.99
N ALA B 322 23.38 5.53 -16.11
CA ALA B 322 23.61 4.17 -16.55
C ALA B 322 22.34 3.54 -17.10
N TRP B 323 21.21 3.78 -16.44
CA TRP B 323 19.95 3.28 -16.97
C TRP B 323 19.66 3.89 -18.33
N THR B 324 19.89 5.21 -18.46
CA THR B 324 19.54 5.91 -19.68
C THR B 324 20.40 5.43 -20.85
N GLU B 325 21.71 5.35 -20.64
CA GLU B 325 22.58 4.76 -21.64
C GLU B 325 22.01 3.42 -22.14
N HIS B 326 21.63 2.55 -21.21
CA HIS B 326 21.14 1.23 -21.60
C HIS B 326 19.77 1.30 -22.28
N TYR B 327 18.82 1.96 -21.64
CA TYR B 327 17.47 1.94 -22.18
C TYR B 327 17.32 2.83 -23.40
N LEU B 328 18.17 3.85 -23.56
CA LEU B 328 18.15 4.63 -24.80
C LEU B 328 18.59 3.78 -25.99
N ALA B 329 19.64 2.96 -25.81
CA ALA B 329 20.06 2.08 -26.88
C ALA B 329 18.93 1.12 -27.26
N SER B 330 18.26 0.55 -26.26
CA SER B 330 17.10 -0.30 -26.54
C SER B 330 16.04 0.43 -27.34
N SER B 331 15.78 1.70 -26.99
CA SER B 331 14.72 2.47 -27.64
C SER B 331 15.11 2.89 -29.04
N VAL B 332 16.38 3.28 -29.22
CA VAL B 332 16.88 3.60 -30.55
C VAL B 332 16.71 2.40 -31.47
N ALA B 333 17.09 1.21 -31.00
CA ALA B 333 16.91 0.01 -31.80
C ALA B 333 15.43 -0.29 -32.04
N ALA B 334 14.57 0.01 -31.06
CA ALA B 334 13.13 -0.11 -31.27
C ALA B 334 12.67 0.77 -32.43
N LEU B 335 13.15 2.02 -32.45
CA LEU B 335 12.77 2.95 -33.52
C LEU B 335 13.41 2.57 -34.85
N LYS B 336 14.64 2.05 -34.83
CA LYS B 336 15.23 1.57 -36.05
C LYS B 336 14.35 0.49 -36.68
N ASP B 337 13.91 -0.48 -35.88
CA ASP B 337 12.99 -1.51 -36.37
C ASP B 337 11.71 -0.88 -36.89
N PHE B 338 11.19 0.12 -36.17
CA PHE B 338 9.84 0.59 -36.42
C PHE B 338 9.76 1.38 -37.72
N VAL B 339 10.77 2.19 -38.03
CA VAL B 339 10.68 3.07 -39.19
C VAL B 339 10.71 2.27 -40.48
N GLY B 340 10.92 0.96 -40.39
CA GLY B 340 10.63 0.08 -41.51
C GLY B 340 9.16 0.05 -41.91
N LEU B 341 8.28 0.58 -41.07
CA LEU B 341 6.87 0.68 -41.45
C LEU B 341 6.68 1.71 -42.55
N TYR B 342 7.56 2.71 -42.61
CA TYR B 342 7.42 3.72 -43.66
C TYR B 342 7.50 3.12 -45.06
N ALA B 343 8.21 1.99 -45.23
CA ALA B 343 8.25 1.33 -46.53
C ALA B 343 6.89 0.83 -46.97
N LYS B 344 5.90 0.76 -46.07
CA LYS B 344 4.58 0.24 -46.35
C LYS B 344 3.54 1.33 -46.63
N VAL B 345 3.88 2.60 -46.45
CA VAL B 345 2.89 3.67 -46.58
C VAL B 345 3.07 4.38 -47.92
N GLU B 346 2.01 5.06 -48.33
CA GLU B 346 2.06 5.88 -49.52
C GLU B 346 2.94 7.09 -49.28
N LYS B 347 3.81 7.39 -50.24
CA LYS B 347 4.75 8.49 -50.09
C LYS B 347 4.00 9.81 -49.99
N VAL B 348 4.38 10.62 -48.99
CA VAL B 348 3.90 11.98 -48.83
C VAL B 348 5.14 12.81 -48.54
N ALA B 349 5.47 13.72 -49.45
CA ALA B 349 6.66 14.54 -49.29
C ALA B 349 6.61 15.31 -47.97
N GLY B 350 7.70 15.25 -47.21
CA GLY B 350 7.81 15.98 -45.97
C GLY B 350 7.23 15.27 -44.76
N ALA B 351 6.51 14.17 -44.95
CA ALA B 351 5.97 13.38 -43.86
C ALA B 351 6.51 11.96 -43.83
N THR B 352 6.47 11.24 -44.95
CA THR B 352 6.85 9.83 -45.00
C THR B 352 8.15 9.57 -45.75
N ASP B 353 8.70 10.55 -46.47
CA ASP B 353 10.01 10.36 -47.07
C ASP B 353 11.09 10.44 -45.99
N ARG B 354 12.33 10.13 -46.39
CA ARG B 354 13.43 10.07 -45.44
C ARG B 354 13.64 11.42 -44.76
N ALA B 355 13.57 12.52 -45.52
CA ALA B 355 13.63 13.85 -44.93
C ALA B 355 12.54 14.04 -43.88
N GLY B 356 11.30 13.68 -44.22
CA GLY B 356 10.21 13.82 -43.26
C GLY B 356 10.43 13.00 -42.00
N VAL B 357 10.87 11.75 -42.15
CA VAL B 357 11.12 10.94 -40.97
C VAL B 357 12.26 11.53 -40.17
N SER B 358 13.26 12.09 -40.85
CA SER B 358 14.38 12.71 -40.16
C SER B 358 13.91 13.82 -39.24
N GLU B 359 13.07 14.74 -39.75
CA GLU B 359 12.56 15.83 -38.93
C GLU B 359 11.71 15.32 -37.78
N ALA B 360 10.90 14.31 -38.04
CA ALA B 360 10.13 13.68 -36.97
C ALA B 360 11.04 13.15 -35.87
N LEU B 361 12.14 12.49 -36.25
CA LEU B 361 13.06 11.98 -35.24
C LEU B 361 13.83 13.08 -34.53
N GLN B 362 14.17 14.17 -35.25
CA GLN B 362 14.84 15.30 -34.60
C GLN B 362 13.97 15.93 -33.54
N ARG B 363 12.66 16.03 -33.79
CA ARG B 363 11.75 16.55 -32.78
C ARG B 363 11.74 15.64 -31.56
N VAL B 364 11.55 14.33 -31.77
CA VAL B 364 11.45 13.39 -30.67
C VAL B 364 12.72 13.42 -29.82
N PHE B 365 13.88 13.25 -30.46
CA PHE B 365 15.13 13.20 -29.72
C PHE B 365 15.51 14.59 -29.21
N GLY B 366 15.24 15.63 -30.01
CA GLY B 366 15.53 16.99 -29.56
C GLY B 366 14.74 17.36 -28.32
N ASP B 367 13.43 17.07 -28.34
CA ASP B 367 12.61 17.33 -27.16
C ASP B 367 13.09 16.50 -25.97
N TRP B 368 13.40 15.22 -26.21
CA TRP B 368 13.86 14.34 -25.14
C TRP B 368 15.12 14.86 -24.49
N LYS B 369 16.05 15.37 -25.29
CA LYS B 369 17.27 15.97 -24.75
C LYS B 369 16.94 17.10 -23.79
N ILE B 370 16.00 17.96 -24.17
CA ILE B 370 15.59 19.08 -23.33
C ILE B 370 14.80 18.57 -22.12
N ASP B 371 13.82 17.70 -22.36
CA ASP B 371 12.89 17.32 -21.31
C ASP B 371 13.52 16.38 -20.28
N TYR B 372 14.49 15.56 -20.71
CA TYR B 372 15.01 14.53 -19.82
C TYR B 372 16.53 14.52 -19.72
N ALA B 373 17.22 14.40 -20.86
CA ALA B 373 18.67 14.18 -20.82
C ALA B 373 19.40 15.30 -20.07
N ASP B 374 19.17 16.55 -20.47
CA ASP B 374 19.93 17.67 -19.90
C ASP B 374 19.67 17.82 -18.40
N LYS B 375 18.53 17.36 -17.90
CA LYS B 375 18.19 17.58 -16.50
C LYS B 375 18.94 16.63 -15.57
N ILE B 376 19.42 15.50 -16.08
CA ILE B 376 20.20 14.56 -15.27
C ILE B 376 21.67 14.57 -15.66
N GLY B 377 22.05 15.41 -16.61
CA GLY B 377 23.43 15.46 -17.07
C GLY B 377 23.81 14.31 -17.96
N PHE B 378 22.87 13.77 -18.73
CA PHE B 378 23.17 12.70 -19.69
C PHE B 378 23.51 13.34 -21.03
N ARG B 379 24.76 13.18 -21.49
CA ARG B 379 25.20 13.71 -22.77
C ARG B 379 24.56 12.95 -23.93
N VAL B 380 24.01 13.67 -24.89
CA VAL B 380 23.39 13.01 -26.05
C VAL B 380 23.58 13.89 -27.27
N ASP B 381 24.05 13.26 -28.34
CA ASP B 381 24.23 13.89 -29.65
C ASP B 381 23.01 13.55 -30.49
N VAL B 382 22.11 14.54 -30.66
CA VAL B 382 20.81 14.27 -31.28
C VAL B 382 20.98 13.77 -32.71
N ASP B 383 21.90 14.35 -33.46
CA ASP B 383 22.11 13.94 -34.85
C ASP B 383 22.54 12.49 -34.94
N GLN B 384 23.35 12.04 -33.97
CA GLN B 384 23.78 10.65 -33.95
C GLN B 384 22.59 9.71 -33.79
N LYS B 385 21.66 10.03 -32.88
CA LYS B 385 20.50 9.18 -32.63
C LYS B 385 19.56 9.14 -33.84
N VAL B 386 19.22 10.32 -34.36
CA VAL B 386 18.44 10.41 -35.59
C VAL B 386 19.04 9.51 -36.67
N ASP B 387 20.34 9.65 -36.90
CA ASP B 387 21.00 8.89 -37.97
C ASP B 387 21.01 7.39 -37.69
N ALA B 388 21.16 7.01 -36.41
CA ALA B 388 21.10 5.60 -36.02
C ALA B 388 19.75 5.00 -36.41
N VAL B 389 18.66 5.67 -36.07
CA VAL B 389 17.33 5.17 -36.42
C VAL B 389 17.12 5.21 -37.92
N LEU B 390 17.50 6.32 -38.56
CA LEU B 390 17.27 6.46 -39.99
C LEU B 390 17.95 5.36 -40.79
N ALA B 391 18.97 4.70 -40.23
CA ALA B 391 19.60 3.56 -40.89
C ALA B 391 18.63 2.41 -41.15
N GLY B 392 17.47 2.41 -40.51
CA GLY B 392 16.42 1.43 -40.75
C GLY B 392 15.38 1.82 -41.78
N TYR B 393 15.46 3.04 -42.32
CA TYR B 393 14.53 3.50 -43.35
C TYR B 393 14.91 2.87 -44.68
N LYS B 394 13.98 2.15 -45.29
CA LYS B 394 14.26 1.42 -46.52
C LYS B 394 14.41 2.36 -47.72
N ASN B 395 15.31 1.97 -48.63
CA ASN B 395 15.57 2.72 -49.85
C ASN B 395 14.78 2.18 -51.05
N ALA C 2 18.30 -0.87 31.14
CA ALA C 2 18.06 0.27 32.01
C ALA C 2 17.15 1.31 31.33
N LYS C 3 17.65 2.53 31.18
CA LYS C 3 16.87 3.64 30.68
C LYS C 3 17.17 3.85 29.19
N ARG C 4 16.13 3.78 28.37
CA ARG C 4 16.28 4.09 26.95
C ARG C 4 16.49 5.58 26.76
N GLU C 5 17.29 5.92 25.75
CA GLU C 5 17.40 7.28 25.28
C GLU C 5 16.26 7.57 24.32
N PRO C 6 16.06 8.86 23.95
CA PRO C 6 15.04 9.20 22.94
C PRO C 6 15.08 8.32 21.70
N ILE C 7 13.97 8.26 20.98
CA ILE C 7 13.81 7.30 19.90
C ILE C 7 14.77 7.60 18.75
N HIS C 8 14.75 8.84 18.27
CA HIS C 8 15.33 9.19 16.98
C HIS C 8 16.70 9.85 17.09
N ASP C 9 17.07 10.34 18.27
CA ASP C 9 18.37 10.97 18.47
C ASP C 9 18.92 10.46 19.79
N ASN C 10 19.98 9.65 19.73
CA ASN C 10 20.58 9.09 20.94
C ASN C 10 22.06 8.84 20.71
N SER C 11 22.75 8.47 21.79
CA SER C 11 24.20 8.32 21.72
C SER C 11 24.61 7.08 20.94
N ILE C 12 23.76 6.07 20.91
CA ILE C 12 24.11 4.84 20.23
C ILE C 12 24.10 5.05 18.72
N ARG C 13 23.03 5.66 18.20
CA ARG C 13 23.01 6.02 16.78
C ARG C 13 24.15 6.95 16.44
N THR C 14 24.41 7.92 17.31
CA THR C 14 25.47 8.89 17.09
C THR C 14 26.84 8.22 17.05
N GLU C 15 27.12 7.34 18.02
CA GLU C 15 28.40 6.63 18.03
C GLU C 15 28.60 5.81 16.76
N TRP C 16 27.54 5.18 16.27
CA TRP C 16 27.71 4.35 15.09
C TRP C 16 27.90 5.20 13.84
N GLU C 17 27.25 6.37 13.79
CA GLU C 17 27.54 7.28 12.69
C GLU C 17 28.99 7.76 12.72
N ALA C 18 29.59 7.82 13.91
CA ALA C 18 31.01 8.13 14.01
C ALA C 18 31.86 7.06 13.33
N LYS C 19 31.56 5.78 13.62
CA LYS C 19 32.27 4.68 12.97
C LYS C 19 32.04 4.68 11.46
N ILE C 20 30.82 4.97 11.02
CA ILE C 20 30.50 4.89 9.60
C ILE C 20 31.26 5.95 8.81
N ALA C 21 31.49 7.12 9.40
CA ALA C 21 32.15 8.21 8.70
C ALA C 21 33.59 7.86 8.34
N LYS C 22 34.21 6.95 9.08
CA LYS C 22 35.60 6.57 8.86
C LYS C 22 35.77 5.60 7.70
N LEU C 23 34.69 5.12 7.11
CA LEU C 23 34.78 4.15 6.02
C LEU C 23 35.15 4.86 4.73
N THR C 24 36.22 4.42 4.08
CA THR C 24 36.73 5.12 2.90
C THR C 24 36.84 4.25 1.65
N SER C 25 36.51 2.96 1.71
CA SER C 25 36.58 2.13 0.52
C SER C 25 35.41 1.15 0.49
N VAL C 26 35.13 0.66 -0.72
CA VAL C 26 34.03 -0.27 -0.90
C VAL C 26 34.30 -1.57 -0.18
N ASP C 27 35.52 -2.11 -0.30
CA ASP C 27 35.85 -3.36 0.40
C ASP C 27 35.65 -3.21 1.90
N GLN C 28 36.24 -2.16 2.47
CA GLN C 28 36.11 -1.88 3.90
C GLN C 28 34.64 -1.72 4.29
N ALA C 29 33.86 -0.98 3.50
CA ALA C 29 32.47 -0.78 3.85
C ALA C 29 31.67 -2.06 3.70
N THR C 30 32.07 -2.93 2.78
CA THR C 30 31.37 -4.20 2.61
C THR C 30 31.62 -5.11 3.81
N LYS C 31 32.88 -5.21 4.26
CA LYS C 31 33.16 -5.96 5.47
C LYS C 31 32.39 -5.39 6.65
N PHE C 32 32.32 -4.06 6.76
CA PHE C 32 31.62 -3.43 7.87
C PHE C 32 30.13 -3.80 7.87
N ILE C 33 29.44 -3.68 6.74
CA ILE C 33 28.00 -3.90 6.75
C ILE C 33 27.68 -5.37 6.93
N GLN C 34 28.55 -6.27 6.46
CA GLN C 34 28.32 -7.70 6.65
C GLN C 34 28.51 -8.09 8.10
N ASP C 35 29.59 -7.64 8.73
CA ASP C 35 29.77 -7.85 10.16
C ASP C 35 28.62 -7.27 10.96
N PHE C 36 28.11 -6.11 10.52
CA PHE C 36 27.00 -5.48 11.22
C PHE C 36 25.75 -6.34 11.13
N ARG C 37 25.40 -6.79 9.92
CA ARG C 37 24.16 -7.54 9.78
C ARG C 37 24.26 -8.91 10.41
N LEU C 38 25.45 -9.52 10.42
CA LEU C 38 25.63 -10.78 11.13
C LEU C 38 25.50 -10.59 12.65
N ALA C 39 25.95 -9.45 13.16
CA ALA C 39 26.00 -9.27 14.60
C ALA C 39 24.68 -8.78 15.18
N TYR C 40 23.84 -8.09 14.39
CA TYR C 40 22.73 -7.37 14.97
C TYR C 40 21.39 -7.51 14.26
N THR C 41 21.28 -8.30 13.21
CA THR C 41 20.02 -8.45 12.50
C THR C 41 19.58 -9.91 12.48
N SER C 42 18.25 -10.13 12.42
CA SER C 42 17.58 -11.43 12.38
C SER C 42 17.52 -12.11 13.76
N PRO C 43 16.68 -13.14 13.94
CA PRO C 43 16.64 -13.85 15.22
C PRO C 43 17.93 -14.59 15.55
N PHE C 44 18.81 -14.80 14.58
CA PHE C 44 20.10 -15.44 14.81
C PHE C 44 21.22 -14.41 14.92
N ARG C 45 20.90 -13.18 15.28
CA ARG C 45 21.94 -12.19 15.48
C ARG C 45 22.80 -12.58 16.68
N LYS C 46 24.02 -12.05 16.71
CA LYS C 46 24.88 -12.31 17.85
C LYS C 46 24.57 -11.40 19.03
N SER C 47 23.88 -10.28 18.81
CA SER C 47 23.66 -9.37 19.92
C SER C 47 22.39 -8.55 19.70
N TYR C 48 21.60 -8.43 20.77
CA TYR C 48 20.46 -7.53 20.86
C TYR C 48 20.80 -6.22 21.55
N ASP C 49 22.09 -5.92 21.76
CA ASP C 49 22.48 -4.74 22.53
C ASP C 49 21.96 -3.44 21.90
N ILE C 50 21.79 -3.40 20.59
CA ILE C 50 21.35 -2.17 19.95
C ILE C 50 20.04 -2.40 19.21
N ASP C 51 19.20 -3.27 19.78
CA ASP C 51 17.95 -3.68 19.14
C ASP C 51 17.15 -2.49 18.60
N VAL C 52 16.97 -1.44 19.41
CA VAL C 52 16.09 -0.35 18.98
C VAL C 52 16.80 0.68 18.10
N ASP C 53 18.07 0.47 17.77
CA ASP C 53 18.81 1.40 16.92
C ASP C 53 19.41 0.77 15.68
N TYR C 54 19.48 -0.56 15.59
CA TYR C 54 20.26 -1.18 14.52
C TYR C 54 19.66 -0.92 13.14
N GLN C 55 18.33 -0.81 13.04
CA GLN C 55 17.72 -0.66 11.73
C GLN C 55 18.05 0.70 11.13
N TYR C 56 18.01 1.74 11.96
CA TYR C 56 18.43 3.05 11.51
C TYR C 56 19.93 3.06 11.22
N ILE C 57 20.73 2.47 12.10
CA ILE C 57 22.18 2.41 11.84
C ILE C 57 22.45 1.69 10.53
N GLU C 58 21.73 0.58 10.29
CA GLU C 58 21.89 -0.13 9.02
C GLU C 58 21.65 0.79 7.84
N ARG C 59 20.58 1.59 7.90
CA ARG C 59 20.28 2.53 6.81
C ARG C 59 21.46 3.44 6.53
N LYS C 60 22.15 3.90 7.59
CA LYS C 60 23.27 4.82 7.40
C LYS C 60 24.47 4.09 6.81
N ILE C 61 24.73 2.84 7.23
CA ILE C 61 25.80 2.07 6.58
C ILE C 61 25.49 1.87 5.11
N GLU C 62 24.25 1.50 4.80
CA GLU C 62 23.81 1.35 3.41
C GLU C 62 24.10 2.62 2.62
N GLU C 63 23.75 3.78 3.17
CA GLU C 63 23.93 5.03 2.43
C GLU C 63 25.41 5.32 2.19
N LYS C 64 26.27 4.98 3.15
CA LYS C 64 27.71 5.18 2.96
C LYS C 64 28.27 4.24 1.89
N LEU C 65 28.02 2.94 2.01
CA LEU C 65 28.52 1.99 1.02
C LEU C 65 28.00 2.31 -0.38
N SER C 66 26.72 2.69 -0.49
CA SER C 66 26.16 2.95 -1.80
C SER C 66 26.79 4.18 -2.44
N VAL C 67 27.15 5.18 -1.64
CA VAL C 67 27.82 6.35 -2.21
C VAL C 67 29.25 6.00 -2.59
N LEU C 68 29.92 5.17 -1.77
CA LEU C 68 31.27 4.75 -2.13
C LEU C 68 31.25 3.94 -3.44
N LYS C 69 30.20 3.14 -3.64
CA LYS C 69 30.08 2.39 -4.89
C LYS C 69 30.03 3.32 -6.09
N THR C 70 29.17 4.34 -6.03
CA THR C 70 29.01 5.18 -7.21
C THR C 70 30.23 6.05 -7.44
N GLU C 71 30.94 6.39 -6.36
CA GLU C 71 32.15 7.21 -6.50
C GLU C 71 33.35 6.38 -6.91
N LYS C 72 33.45 5.12 -6.47
CA LYS C 72 34.67 4.35 -6.66
C LYS C 72 34.61 3.33 -7.80
N LEU C 73 33.39 2.79 -8.14
CA LEU C 73 33.40 1.62 -9.01
C LEU C 73 33.05 1.99 -10.45
N PRO C 74 33.56 1.24 -11.43
CA PRO C 74 33.10 1.41 -12.80
C PRO C 74 31.63 1.02 -12.92
N VAL C 75 30.92 1.72 -13.80
CA VAL C 75 29.47 1.60 -13.84
C VAL C 75 29.02 0.16 -14.08
N ALA C 76 29.79 -0.59 -14.87
CA ALA C 76 29.44 -1.99 -15.14
C ALA C 76 29.38 -2.81 -13.86
N ASP C 77 30.28 -2.51 -12.90
CA ASP C 77 30.29 -3.26 -11.66
C ASP C 77 29.03 -2.99 -10.84
N LEU C 78 28.43 -1.81 -10.99
CA LEU C 78 27.15 -1.54 -10.33
C LEU C 78 26.07 -2.48 -10.80
N ILE C 79 26.18 -2.96 -12.03
CA ILE C 79 25.13 -3.79 -12.59
C ILE C 79 25.39 -5.28 -12.37
N THR C 80 26.65 -5.72 -12.38
CA THR C 80 26.96 -7.14 -12.50
C THR C 80 27.63 -7.77 -11.30
N LYS C 81 28.21 -7.01 -10.39
CA LYS C 81 29.04 -7.55 -9.34
C LYS C 81 28.43 -7.27 -7.98
N ALA C 82 28.66 -8.18 -7.04
CA ALA C 82 28.53 -7.83 -5.65
C ALA C 82 29.73 -6.97 -5.25
N THR C 83 29.56 -6.19 -4.19
CA THR C 83 30.72 -5.42 -3.71
C THR C 83 31.75 -6.30 -3.04
N THR C 84 31.47 -7.59 -2.87
CA THR C 84 32.52 -8.54 -2.53
C THR C 84 33.47 -8.78 -3.70
N GLY C 85 33.16 -8.27 -4.89
CA GLY C 85 33.86 -8.64 -6.09
C GLY C 85 33.32 -9.89 -6.78
N GLU C 86 32.40 -10.61 -6.16
CA GLU C 86 31.79 -11.76 -6.81
C GLU C 86 30.83 -11.30 -7.90
N ASP C 87 30.68 -12.14 -8.92
CA ASP C 87 29.69 -11.88 -9.94
C ASP C 87 28.29 -12.12 -9.36
N ALA C 88 27.38 -11.15 -9.55
CA ALA C 88 26.08 -11.22 -8.88
C ALA C 88 25.29 -12.46 -9.30
N ALA C 89 25.36 -12.84 -10.57
CA ALA C 89 24.64 -14.03 -11.01
C ALA C 89 25.21 -15.29 -10.39
N ALA C 90 26.52 -15.30 -10.10
CA ALA C 90 27.11 -16.43 -9.40
C ALA C 90 26.60 -16.56 -7.97
N VAL C 91 26.47 -15.43 -7.25
CA VAL C 91 25.90 -15.45 -5.90
C VAL C 91 24.48 -16.00 -5.95
N GLU C 92 23.66 -15.48 -6.87
CA GLU C 92 22.30 -15.97 -7.01
C GLU C 92 22.27 -17.48 -7.20
N ALA C 93 23.11 -17.96 -8.11
CA ALA C 93 23.16 -19.39 -8.38
C ALA C 93 23.58 -20.17 -7.14
N THR C 94 24.58 -19.66 -6.42
CA THR C 94 25.08 -20.36 -5.24
C THR C 94 23.98 -20.56 -4.21
N TRP C 95 23.21 -19.50 -3.94
CA TRP C 95 22.28 -19.51 -2.83
C TRP C 95 20.97 -20.20 -3.19
N ILE C 96 20.49 -20.02 -4.43
CA ILE C 96 19.34 -20.80 -4.89
C ILE C 96 19.64 -22.28 -4.78
N ALA C 97 20.85 -22.69 -5.16
CA ALA C 97 21.24 -24.10 -5.04
C ALA C 97 21.33 -24.52 -3.58
N LYS C 98 21.91 -23.69 -2.71
CA LYS C 98 21.97 -24.01 -1.29
C LYS C 98 20.60 -24.36 -0.73
N ILE C 99 19.61 -23.50 -0.97
CA ILE C 99 18.33 -23.69 -0.32
C ILE C 99 17.57 -24.86 -0.95
N LYS C 100 17.85 -25.17 -2.21
CA LYS C 100 17.18 -26.29 -2.85
C LYS C 100 17.70 -27.62 -2.31
N ALA C 101 18.93 -27.64 -1.77
CA ALA C 101 19.50 -28.82 -1.13
C ALA C 101 19.24 -28.87 0.37
N ALA C 102 18.54 -27.89 0.93
CA ALA C 102 18.22 -27.90 2.34
C ALA C 102 17.25 -29.03 2.65
N LYS C 103 17.45 -29.70 3.78
CA LYS C 103 16.71 -30.91 4.11
C LYS C 103 15.61 -30.69 5.14
N SER C 104 15.55 -29.53 5.79
CA SER C 104 14.49 -29.24 6.75
C SER C 104 14.16 -27.76 6.67
N LYS C 105 13.06 -27.38 7.33
CA LYS C 105 12.73 -25.96 7.37
C LYS C 105 13.74 -25.19 8.19
N TYR C 106 14.33 -25.84 9.18
CA TYR C 106 15.36 -25.20 10.00
C TYR C 106 16.62 -24.95 9.19
N GLU C 107 16.98 -25.87 8.31
CA GLU C 107 18.09 -25.63 7.40
C GLU C 107 17.78 -24.48 6.45
N ALA C 108 16.59 -24.50 5.83
CA ALA C 108 16.30 -23.55 4.78
C ALA C 108 16.19 -22.14 5.32
N GLU C 109 15.55 -21.98 6.49
CA GLU C 109 15.39 -20.66 7.07
C GLU C 109 16.73 -20.00 7.32
N ARG C 110 17.72 -20.77 7.79
CA ARG C 110 19.02 -20.17 8.07
C ARG C 110 19.77 -19.83 6.78
N ILE C 111 19.56 -20.60 5.71
CA ILE C 111 20.15 -20.22 4.42
C ILE C 111 19.58 -18.90 3.92
N HIS C 112 18.25 -18.72 4.03
CA HIS C 112 17.61 -17.51 3.53
C HIS C 112 17.98 -16.30 4.37
N ILE C 113 17.94 -16.45 5.69
CA ILE C 113 18.32 -15.35 6.57
C ILE C 113 19.76 -14.93 6.30
N GLU C 114 20.66 -15.91 6.24
CA GLU C 114 22.06 -15.59 6.04
C GLU C 114 22.28 -14.91 4.69
N PHE C 115 21.63 -15.39 3.63
CA PHE C 115 21.78 -14.73 2.34
C PHE C 115 21.48 -13.23 2.45
N ARG C 116 20.43 -12.87 3.22
CA ARG C 116 20.07 -11.47 3.36
C ARG C 116 21.09 -10.71 4.22
N GLN C 117 21.56 -11.31 5.32
CA GLN C 117 22.58 -10.65 6.14
C GLN C 117 23.85 -10.37 5.33
N LEU C 118 24.18 -11.24 4.39
CA LEU C 118 25.44 -11.11 3.64
C LEU C 118 25.31 -10.24 2.40
N TYR C 119 24.17 -10.26 1.72
CA TYR C 119 24.09 -9.70 0.38
C TYR C 119 23.01 -8.65 0.17
N LYS C 120 22.27 -8.27 1.22
CA LYS C 120 21.31 -7.18 1.12
C LYS C 120 21.97 -5.99 0.42
N PRO C 121 21.29 -5.32 -0.50
CA PRO C 121 21.83 -4.11 -1.11
C PRO C 121 22.28 -3.14 -0.03
N PRO C 122 23.35 -2.36 -0.27
CA PRO C 122 24.09 -2.22 -1.52
C PRO C 122 25.11 -3.30 -1.86
N VAL C 123 25.20 -4.40 -1.11
CA VAL C 123 26.22 -5.40 -1.41
C VAL C 123 25.91 -6.08 -2.74
N LEU C 124 24.70 -6.56 -2.89
CA LEU C 124 24.32 -7.16 -4.16
C LEU C 124 23.45 -6.17 -4.95
N PRO C 125 23.54 -6.17 -6.28
CA PRO C 125 22.63 -5.32 -7.07
C PRO C 125 21.16 -5.63 -6.77
N VAL C 126 20.36 -4.57 -6.71
CA VAL C 126 18.97 -4.68 -6.26
C VAL C 126 18.19 -5.68 -7.11
N ASN C 127 18.36 -5.65 -8.43
CA ASN C 127 17.57 -6.53 -9.29
C ASN C 127 17.91 -7.99 -9.05
N VAL C 128 19.20 -8.30 -9.00
CA VAL C 128 19.63 -9.68 -8.72
C VAL C 128 19.15 -10.09 -7.33
N PHE C 129 19.35 -9.22 -6.34
CA PHE C 129 19.03 -9.55 -4.97
C PHE C 129 17.55 -9.88 -4.81
N LEU C 130 16.69 -9.01 -5.34
CA LEU C 130 15.25 -9.19 -5.16
C LEU C 130 14.76 -10.48 -5.80
N ARG C 131 15.31 -10.84 -6.96
CA ARG C 131 14.80 -12.07 -7.56
C ARG C 131 15.39 -13.29 -6.89
N THR C 132 16.56 -13.16 -6.26
CA THR C 132 17.10 -14.26 -5.46
C THR C 132 16.30 -14.41 -4.17
N ASP C 133 15.99 -13.29 -3.51
CA ASP C 133 15.19 -13.33 -2.29
C ASP C 133 13.84 -13.97 -2.54
N ALA C 134 13.19 -13.61 -3.66
CA ALA C 134 11.90 -14.19 -4.00
C ALA C 134 12.01 -15.69 -4.26
N ALA C 135 13.09 -16.12 -4.92
CA ALA C 135 13.25 -17.54 -5.19
C ALA C 135 13.49 -18.31 -3.90
N LEU C 136 14.35 -17.77 -3.03
CA LEU C 136 14.58 -18.41 -1.74
C LEU C 136 13.30 -18.44 -0.91
N GLY C 137 12.54 -17.35 -0.90
CA GLY C 137 11.32 -17.30 -0.09
C GLY C 137 10.30 -18.33 -0.54
N THR C 138 10.16 -18.50 -1.86
CA THR C 138 9.28 -19.54 -2.39
C THR C 138 9.64 -20.90 -1.81
N VAL C 139 10.92 -21.24 -1.76
CA VAL C 139 11.32 -22.56 -1.29
C VAL C 139 11.11 -22.68 0.22
N LEU C 140 11.46 -21.63 0.96
CA LEU C 140 11.29 -21.64 2.41
C LEU C 140 9.81 -21.80 2.79
N MET C 141 8.91 -21.12 2.07
CA MET C 141 7.49 -21.22 2.41
C MET C 141 6.95 -22.60 2.09
N GLU C 142 7.36 -23.18 0.96
CA GLU C 142 6.85 -24.50 0.59
C GLU C 142 7.18 -25.53 1.65
N ILE C 143 8.35 -25.42 2.27
CA ILE C 143 8.72 -26.40 3.28
C ILE C 143 8.12 -26.05 4.63
N ARG C 144 8.05 -24.76 4.99
CA ARG C 144 7.43 -24.41 6.28
C ARG C 144 5.94 -24.73 6.30
N ASN C 145 5.22 -24.44 5.23
CA ASN C 145 3.77 -24.53 5.21
C ASN C 145 3.27 -25.94 4.91
N THR C 146 4.17 -26.92 4.81
CA THR C 146 3.76 -28.31 4.71
C THR C 146 3.49 -28.88 6.09
N ASP C 147 2.33 -29.49 6.29
CA ASP C 147 1.98 -30.09 7.57
C ASP C 147 2.23 -29.10 8.73
N TYR C 148 1.77 -27.87 8.51
CA TYR C 148 2.08 -26.74 9.39
C TYR C 148 1.59 -26.98 10.81
N TYR C 149 0.47 -27.67 10.98
CA TYR C 149 -0.09 -27.95 12.29
C TYR C 149 0.25 -29.35 12.78
N GLY C 150 1.26 -29.98 12.18
CA GLY C 150 1.59 -31.35 12.55
C GLY C 150 2.32 -31.48 13.86
N THR C 151 3.08 -30.48 14.25
CA THR C 151 3.86 -30.61 15.47
C THR C 151 3.17 -29.85 16.60
N PRO C 152 2.98 -30.48 17.76
CA PRO C 152 2.40 -29.75 18.89
C PRO C 152 3.33 -28.65 19.36
N LEU C 153 2.75 -27.69 20.09
CA LEU C 153 3.52 -26.54 20.55
C LEU C 153 4.69 -26.98 21.42
N GLU C 154 4.46 -27.96 22.30
CA GLU C 154 5.53 -28.53 23.11
C GLU C 154 6.70 -28.96 22.25
N GLY C 155 6.41 -29.68 21.16
CA GLY C 155 7.48 -30.14 20.28
C GLY C 155 8.11 -29.02 19.48
N LEU C 156 7.29 -28.06 19.01
CA LEU C 156 7.84 -26.93 18.28
C LEU C 156 8.82 -26.13 19.13
N ARG C 157 8.55 -26.02 20.43
CA ARG C 157 9.44 -25.27 21.31
C ARG C 157 10.79 -25.96 21.43
N LYS C 158 10.80 -27.28 21.56
CA LYS C 158 12.05 -28.00 21.61
C LYS C 158 12.80 -27.94 20.28
N GLU C 159 12.07 -27.96 19.16
CA GLU C 159 12.74 -27.88 17.86
C GLU C 159 13.36 -26.51 17.68
N ARG C 160 12.60 -25.46 17.97
CA ARG C 160 13.13 -24.11 17.86
C ARG C 160 14.27 -23.90 18.85
N GLY C 161 14.25 -24.59 19.98
CA GLY C 161 15.29 -24.40 20.97
C GLY C 161 15.04 -23.28 21.94
N VAL C 162 13.79 -22.91 22.19
CA VAL C 162 13.52 -21.88 23.19
C VAL C 162 13.87 -22.42 24.58
N LYS C 163 14.17 -21.49 25.47
CA LYS C 163 14.11 -21.75 26.90
C LYS C 163 12.76 -21.23 27.38
N VAL C 164 11.90 -22.13 27.81
CA VAL C 164 10.57 -21.77 28.30
C VAL C 164 10.71 -21.18 29.70
N LEU C 165 10.31 -19.91 29.85
CA LEU C 165 10.45 -19.20 31.11
C LEU C 165 9.14 -19.16 31.90
N HIS C 166 8.00 -19.23 31.23
CA HIS C 166 6.70 -19.19 31.89
C HIS C 166 5.64 -19.70 30.94
N LEU C 167 4.79 -20.60 31.43
CA LEU C 167 3.58 -21.03 30.74
C LEU C 167 2.41 -20.83 31.70
N GLN C 168 1.49 -19.94 31.33
CA GLN C 168 0.37 -19.63 32.20
C GLN C 168 -0.63 -20.78 32.23
N ALA C 169 -1.24 -20.97 33.40
CA ALA C 169 -2.47 -21.75 33.57
C ALA C 169 -2.29 -23.22 33.25
#